data_5IZN
#
_entry.id   5IZN
#
_cell.length_a   128.451
_cell.length_b   58.797
_cell.length_c   122.004
_cell.angle_alpha   90.00
_cell.angle_beta   90.51
_cell.angle_gamma   90.00
#
_symmetry.space_group_name_H-M   'C 1 2 1'
#
loop_
_entity.id
_entity.type
_entity.pdbx_description
1 polymer '50S ribosomal protein L25'
2 non-polymer 'PHOSPHATE ION'
3 water water
#
_entity_poly.entity_id   1
_entity_poly.type   'polypeptide(L)'
_entity_poly.pdbx_seq_one_letter_code
;SNA(MSE)KFEAVVRTELGKGASRRLRLAGQFPAVVYGGEAAPVAVALNHDDIVNQ(MSE)DKPEFYEAITLVIGGEEVK
VKPQDVQRHAFKPKVEH(MSE)DFIRI
;
_entity_poly.pdbx_strand_id   A,B,C,D,E,F,G,H
#
loop_
_chem_comp.id
_chem_comp.type
_chem_comp.name
_chem_comp.formula
PO4 non-polymer 'PHOSPHATE ION' 'O4 P -3'
#
# COMPACT_ATOMS: atom_id res chain seq x y z
N ASN A 2 47.76 -9.93 -22.52
CA ASN A 2 48.13 -10.23 -21.14
C ASN A 2 47.42 -9.31 -20.15
N ALA A 3 47.54 -8.00 -20.36
CA ALA A 3 46.89 -7.02 -19.51
C ALA A 3 45.38 -7.07 -19.66
N MSE A 4 44.92 -7.19 -20.91
CA MSE A 4 43.51 -7.30 -21.21
C MSE A 4 43.07 -8.76 -21.23
O MSE A 4 42.25 -9.16 -22.07
CB MSE A 4 43.18 -6.61 -22.54
CG MSE A 4 43.52 -5.14 -22.57
SE MSE A 4 42.61 -4.12 -21.17
CE MSE A 4 43.36 -2.36 -21.54
N LYS A 5 43.63 -9.55 -20.32
CA LYS A 5 43.30 -10.97 -20.21
C LYS A 5 42.79 -11.28 -18.81
N PHE A 6 41.51 -11.63 -18.71
CA PHE A 6 40.88 -11.82 -17.41
C PHE A 6 40.34 -13.24 -17.21
N GLU A 7 40.49 -13.74 -16.00
CA GLU A 7 39.97 -15.07 -15.65
C GLU A 7 38.46 -15.00 -15.43
N ALA A 8 37.73 -15.86 -16.13
CA ALA A 8 36.28 -15.86 -16.05
C ALA A 8 35.76 -17.21 -15.55
N VAL A 9 35.29 -17.23 -14.30
CA VAL A 9 34.72 -18.43 -13.72
C VAL A 9 33.25 -18.58 -14.09
N VAL A 10 32.91 -19.71 -14.71
CA VAL A 10 31.52 -19.97 -15.09
C VAL A 10 30.65 -20.15 -13.86
N ARG A 11 29.62 -19.32 -13.73
CA ARG A 11 28.73 -19.37 -12.58
C ARG A 11 27.82 -20.59 -12.62
N THR A 12 27.72 -21.27 -11.49
CA THR A 12 26.85 -22.44 -11.38
C THR A 12 25.69 -22.16 -10.43
N GLU A 13 25.85 -21.14 -9.59
CA GLU A 13 24.83 -20.79 -8.61
C GLU A 13 24.21 -19.43 -8.87
N LEU A 14 22.95 -19.42 -9.28
CA LEU A 14 22.20 -18.18 -9.45
C LEU A 14 21.20 -18.04 -8.31
N GLY A 15 20.39 -16.99 -8.36
CA GLY A 15 19.36 -16.79 -7.36
C GLY A 15 19.75 -15.84 -6.25
N LYS A 16 18.95 -15.81 -5.19
CA LYS A 16 19.14 -14.88 -4.09
C LYS A 16 20.39 -15.20 -3.27
N GLY A 17 21.21 -14.18 -3.02
CA GLY A 17 22.38 -14.32 -2.19
C GLY A 17 23.66 -14.65 -2.95
N ALA A 18 23.50 -15.26 -4.12
CA ALA A 18 24.64 -15.69 -4.92
C ALA A 18 25.51 -14.51 -5.37
N SER A 19 24.86 -13.40 -5.69
CA SER A 19 25.58 -12.21 -6.15
CA SER A 19 25.58 -12.21 -6.15
C SER A 19 26.34 -11.55 -5.01
N ARG A 20 25.71 -11.51 -3.84
CA ARG A 20 26.36 -10.94 -2.66
C ARG A 20 27.56 -11.78 -2.25
N ARG A 21 27.47 -13.09 -2.47
CA ARG A 21 28.56 -14.00 -2.18
C ARG A 21 29.80 -13.67 -3.00
N LEU A 22 29.59 -13.34 -4.27
CA LEU A 22 30.68 -12.93 -5.16
C LEU A 22 31.29 -11.62 -4.70
N ARG A 23 30.44 -10.69 -4.26
CA ARG A 23 30.88 -9.37 -3.82
C ARG A 23 31.78 -9.46 -2.60
N LEU A 24 31.45 -10.35 -1.68
CA LEU A 24 32.24 -10.54 -0.47
C LEU A 24 33.57 -11.21 -0.79
N ALA A 25 33.69 -11.75 -2.00
CA ALA A 25 34.92 -12.37 -2.43
C ALA A 25 35.63 -11.51 -3.49
N GLY A 26 35.30 -10.23 -3.49
CA GLY A 26 35.91 -9.29 -4.43
C GLY A 26 35.61 -9.59 -5.88
N GLN A 27 34.42 -10.11 -6.14
CA GLN A 27 34.01 -10.43 -7.51
C GLN A 27 32.64 -9.86 -7.84
N PHE A 28 32.29 -9.86 -9.11
CA PHE A 28 30.98 -9.40 -9.55
C PHE A 28 30.46 -10.27 -10.70
N PRO A 29 29.13 -10.43 -10.79
CA PRO A 29 28.53 -11.25 -11.84
C PRO A 29 28.57 -10.59 -13.22
N ALA A 30 28.74 -11.40 -14.26
CA ALA A 30 28.79 -10.89 -15.63
C ALA A 30 28.15 -11.87 -16.60
N VAL A 31 27.74 -11.36 -17.76
CA VAL A 31 27.14 -12.20 -18.78
C VAL A 31 27.87 -12.05 -20.11
N VAL A 32 28.26 -13.18 -20.70
CA VAL A 32 28.90 -13.17 -22.01
C VAL A 32 27.92 -13.64 -23.07
N TYR A 33 27.52 -12.74 -23.95
CA TYR A 33 26.58 -13.05 -25.02
C TYR A 33 27.14 -12.57 -26.35
N GLY A 34 26.30 -12.59 -27.39
CA GLY A 34 26.70 -12.10 -28.69
C GLY A 34 27.01 -13.22 -29.66
N GLY A 35 27.32 -12.83 -30.90
CA GLY A 35 27.53 -13.80 -31.96
C GLY A 35 26.25 -14.56 -32.21
N GLU A 36 26.36 -15.89 -32.31
CA GLU A 36 25.18 -16.74 -32.43
C GLU A 36 25.30 -17.92 -31.48
N ALA A 37 25.97 -17.69 -30.36
CA ALA A 37 26.15 -18.72 -29.33
C ALA A 37 25.32 -18.40 -28.10
N ALA A 38 25.13 -19.42 -27.26
CA ALA A 38 24.34 -19.27 -26.04
C ALA A 38 25.05 -18.38 -25.02
N PRO A 39 24.27 -17.58 -24.29
CA PRO A 39 24.83 -16.73 -23.24
C PRO A 39 25.36 -17.56 -22.07
N VAL A 40 26.32 -17.02 -21.33
CA VAL A 40 26.90 -17.74 -20.20
C VAL A 40 27.18 -16.78 -19.03
N ALA A 41 26.70 -17.14 -17.85
CA ALA A 41 26.94 -16.35 -16.65
C ALA A 41 28.33 -16.60 -16.09
N VAL A 42 29.12 -15.54 -15.94
CA VAL A 42 30.48 -15.68 -15.45
C VAL A 42 30.75 -14.73 -14.27
N ALA A 43 31.84 -14.99 -13.56
CA ALA A 43 32.26 -14.15 -12.45
C ALA A 43 33.66 -13.62 -12.69
N LEU A 44 33.84 -12.32 -12.47
CA LEU A 44 35.13 -11.68 -12.71
C LEU A 44 35.67 -11.04 -11.46
N ASN A 45 37.00 -10.88 -11.41
CA ASN A 45 37.63 -10.14 -10.33
C ASN A 45 37.34 -8.65 -10.46
N HIS A 46 36.78 -8.05 -9.41
CA HIS A 46 36.33 -6.67 -9.47
C HIS A 46 37.47 -5.69 -9.75
N ASP A 47 38.48 -5.69 -8.88
CA ASP A 47 39.56 -4.72 -8.98
C ASP A 47 40.41 -4.92 -10.24
N ASP A 48 40.53 -6.17 -10.70
CA ASP A 48 41.27 -6.45 -11.93
C ASP A 48 40.63 -5.75 -13.13
N ILE A 49 39.30 -5.74 -13.18
CA ILE A 49 38.58 -5.08 -14.25
C ILE A 49 38.65 -3.56 -14.10
N VAL A 50 38.41 -3.08 -12.88
CA VAL A 50 38.39 -1.65 -12.60
C VAL A 50 39.74 -0.99 -12.91
N ASN A 51 40.83 -1.68 -12.60
CA ASN A 51 42.17 -1.15 -12.86
C ASN A 51 42.49 -1.03 -14.34
N GLN A 52 41.58 -1.47 -15.19
CA GLN A 52 41.79 -1.41 -16.64
C GLN A 52 40.72 -0.57 -17.33
N MSE A 53 39.73 -0.13 -16.57
CA MSE A 53 38.61 0.63 -17.14
C MSE A 53 38.98 2.08 -17.49
O MSE A 53 38.15 2.81 -18.03
CB MSE A 53 37.43 0.63 -16.15
CG MSE A 53 36.64 -0.66 -16.15
SE MSE A 53 35.20 -0.61 -14.83
CE MSE A 53 34.36 1.05 -15.36
N ASP A 54 40.20 2.47 -17.19
CA ASP A 54 40.67 3.81 -17.51
C ASP A 54 41.29 3.85 -18.90
N LYS A 55 41.63 2.68 -19.42
CA LYS A 55 42.27 2.56 -20.72
C LYS A 55 41.24 2.38 -21.84
N PRO A 56 41.41 3.13 -22.94
CA PRO A 56 40.51 3.06 -24.10
C PRO A 56 40.46 1.68 -24.75
N GLU A 57 41.55 0.92 -24.63
CA GLU A 57 41.63 -0.41 -25.22
C GLU A 57 40.62 -1.37 -24.59
N PHE A 58 40.33 -1.15 -23.31
CA PHE A 58 39.39 -1.98 -22.58
C PHE A 58 38.00 -1.96 -23.22
N TYR A 59 37.63 -0.83 -23.78
CA TYR A 59 36.31 -0.66 -24.38
C TYR A 59 36.31 -1.07 -25.84
N GLU A 60 37.48 -1.43 -26.35
CA GLU A 60 37.61 -1.88 -27.73
C GLU A 60 37.54 -3.41 -27.80
N ALA A 61 38.45 -4.06 -27.09
CA ALA A 61 38.51 -5.52 -27.08
C ALA A 61 39.33 -6.05 -25.91
N ILE A 62 38.72 -6.92 -25.12
CA ILE A 62 39.44 -7.64 -24.07
C ILE A 62 39.23 -9.14 -24.23
N THR A 63 40.03 -9.92 -23.52
CA THR A 63 39.97 -11.37 -23.63
C THR A 63 39.54 -12.01 -22.31
N LEU A 64 38.50 -12.83 -22.36
CA LEU A 64 38.03 -13.56 -21.19
C LEU A 64 38.38 -15.04 -21.31
N VAL A 65 39.05 -15.56 -20.29
CA VAL A 65 39.37 -16.99 -20.26
C VAL A 65 38.21 -17.76 -19.64
N ILE A 66 37.39 -18.37 -20.50
CA ILE A 66 36.20 -19.09 -20.04
C ILE A 66 36.37 -20.60 -20.24
N GLY A 67 36.62 -21.31 -19.15
CA GLY A 67 36.80 -22.75 -19.20
C GLY A 67 38.08 -23.15 -19.91
N GLY A 68 39.11 -22.33 -19.78
CA GLY A 68 40.39 -22.64 -20.38
C GLY A 68 40.57 -22.04 -21.77
N GLU A 69 39.46 -21.69 -22.40
CA GLU A 69 39.52 -21.10 -23.74
C GLU A 69 39.41 -19.58 -23.70
N GLU A 70 40.18 -18.93 -24.56
CA GLU A 70 40.19 -17.47 -24.65
C GLU A 70 39.05 -16.96 -25.53
N VAL A 71 38.25 -16.06 -24.99
CA VAL A 71 37.13 -15.50 -25.74
C VAL A 71 37.27 -13.98 -25.88
N LYS A 72 37.38 -13.51 -27.11
CA LYS A 72 37.50 -12.08 -27.39
C LYS A 72 36.15 -11.39 -27.29
N VAL A 73 36.00 -10.53 -26.30
CA VAL A 73 34.72 -9.85 -26.08
C VAL A 73 34.87 -8.33 -26.03
N LYS A 74 33.73 -7.65 -25.98
CA LYS A 74 33.70 -6.20 -25.91
C LYS A 74 32.67 -5.74 -24.91
N PRO A 75 33.11 -5.00 -23.87
CA PRO A 75 32.23 -4.48 -22.82
C PRO A 75 31.10 -3.62 -23.39
N GLN A 76 29.89 -3.80 -22.87
CA GLN A 76 28.72 -3.10 -23.41
C GLN A 76 28.08 -2.18 -22.37
N ASP A 77 27.89 -0.92 -22.75
CA ASP A 77 27.20 0.08 -21.94
C ASP A 77 27.78 0.21 -20.54
N VAL A 78 29.11 0.20 -20.45
CA VAL A 78 29.80 0.39 -19.18
C VAL A 78 29.79 1.87 -18.79
N GLN A 79 29.96 2.73 -19.80
CA GLN A 79 30.03 4.16 -19.57
C GLN A 79 28.65 4.81 -19.58
N ARG A 80 27.60 4.00 -19.46
CA ARG A 80 26.24 4.52 -19.49
C ARG A 80 25.97 5.47 -18.33
N HIS A 81 26.18 4.99 -17.11
CA HIS A 81 25.99 5.82 -15.92
C HIS A 81 27.31 6.42 -15.46
N ALA A 82 27.25 7.62 -14.90
CA ALA A 82 28.44 8.28 -14.38
C ALA A 82 28.96 7.53 -13.16
N PHE A 83 30.27 7.30 -13.11
CA PHE A 83 30.87 6.58 -12.00
C PHE A 83 31.30 7.52 -10.89
N LYS A 84 30.81 7.25 -9.69
CA LYS A 84 31.07 8.08 -8.53
C LYS A 84 31.24 7.19 -7.30
N PRO A 85 31.99 7.67 -6.29
CA PRO A 85 32.09 6.92 -5.03
C PRO A 85 30.72 6.73 -4.40
N LYS A 86 30.41 5.52 -3.94
CA LYS A 86 29.09 5.21 -3.42
C LYS A 86 29.11 4.72 -1.97
N VAL A 87 28.13 5.19 -1.21
CA VAL A 87 27.96 4.82 0.19
C VAL A 87 26.52 4.36 0.40
N GLU A 88 26.33 3.29 1.16
CA GLU A 88 24.99 2.77 1.41
C GLU A 88 24.60 2.83 2.88
N HIS A 89 25.53 3.30 3.72
CA HIS A 89 25.27 3.44 5.15
C HIS A 89 26.35 4.25 5.85
N MSE A 90 25.95 5.00 6.88
CA MSE A 90 26.89 5.69 7.76
C MSE A 90 26.35 5.77 9.19
O MSE A 90 25.13 5.75 9.41
CB MSE A 90 27.23 7.08 7.25
CG MSE A 90 28.29 7.11 6.16
SE MSE A 90 28.82 8.90 5.64
CE MSE A 90 29.85 9.38 7.23
N ASP A 91 27.26 5.87 10.16
CA ASP A 91 26.89 5.99 11.56
C ASP A 91 27.35 7.33 12.12
N PHE A 92 26.44 8.06 12.75
CA PHE A 92 26.76 9.35 13.35
C PHE A 92 26.47 9.33 14.84
N ILE A 93 27.39 9.90 15.62
CA ILE A 93 27.20 10.00 17.06
C ILE A 93 27.01 11.46 17.47
N ARG A 94 26.06 11.71 18.37
CA ARG A 94 25.77 13.06 18.82
C ARG A 94 26.91 13.62 19.66
N ILE A 95 27.28 14.87 19.39
CA ILE A 95 28.35 15.53 20.14
C ILE A 95 27.87 16.88 20.68
N ASN B 2 28.39 27.01 6.93
CA ASN B 2 27.22 26.14 7.03
C ASN B 2 27.15 25.17 5.86
N ALA B 3 28.29 24.89 5.25
CA ALA B 3 28.35 23.94 4.15
C ALA B 3 28.27 22.52 4.68
N MSE B 4 28.66 22.34 5.94
CA MSE B 4 28.58 21.04 6.60
C MSE B 4 27.24 20.86 7.29
O MSE B 4 27.12 20.18 8.30
CB MSE B 4 29.71 20.89 7.63
CG MSE B 4 31.10 20.87 7.02
SE MSE B 4 31.24 19.56 5.58
CE MSE B 4 33.18 19.40 5.51
N LYS B 5 26.21 21.48 6.71
CA LYS B 5 24.86 21.42 7.26
C LYS B 5 23.95 20.68 6.30
N PHE B 6 23.57 19.47 6.68
CA PHE B 6 22.81 18.59 5.80
C PHE B 6 21.40 18.33 6.33
N GLU B 7 20.42 18.37 5.44
CA GLU B 7 19.04 18.06 5.82
C GLU B 7 18.85 16.57 6.01
N ALA B 8 18.30 16.19 7.15
CA ALA B 8 18.05 14.78 7.44
C ALA B 8 16.56 14.49 7.56
N VAL B 9 16.09 13.48 6.84
CA VAL B 9 14.69 13.08 6.89
C VAL B 9 14.53 11.77 7.65
N VAL B 10 13.69 11.79 8.68
CA VAL B 10 13.42 10.59 9.47
C VAL B 10 12.75 9.52 8.61
N ARG B 11 13.36 8.34 8.56
CA ARG B 11 12.85 7.26 7.73
C ARG B 11 11.53 6.70 8.25
N THR B 12 10.60 6.46 7.33
CA THR B 12 9.31 5.85 7.68
C THR B 12 9.37 4.35 7.44
N GLU B 13 9.76 3.96 6.24
CA GLU B 13 9.88 2.55 5.88
C GLU B 13 11.27 2.04 6.19
N LEU B 14 11.37 0.82 6.72
CA LEU B 14 12.66 0.21 6.99
C LEU B 14 12.70 -1.25 6.52
N GLY B 15 11.63 -1.68 5.85
CA GLY B 15 11.53 -3.05 5.39
C GLY B 15 12.34 -3.30 4.13
N LYS B 16 11.98 -4.36 3.41
CA LYS B 16 12.66 -4.71 2.17
C LYS B 16 12.49 -3.64 1.10
N GLY B 17 13.59 -3.32 0.42
CA GLY B 17 13.55 -2.37 -0.68
C GLY B 17 13.53 -0.92 -0.24
N ALA B 18 13.53 -0.69 1.06
CA ALA B 18 13.53 0.68 1.58
C ALA B 18 14.84 1.39 1.26
N SER B 19 15.94 0.66 1.37
CA SER B 19 17.26 1.20 1.08
C SER B 19 17.45 1.44 -0.41
N ARG B 20 17.02 0.48 -1.21
CA ARG B 20 17.11 0.59 -2.66
C ARG B 20 16.25 1.76 -3.17
N ARG B 21 15.13 1.98 -2.49
CA ARG B 21 14.25 3.10 -2.80
C ARG B 21 14.96 4.43 -2.61
N LEU B 22 15.70 4.54 -1.51
CA LEU B 22 16.44 5.76 -1.21
C LEU B 22 17.53 6.02 -2.25
N ARG B 23 18.22 4.96 -2.64
CA ARG B 23 19.32 5.08 -3.61
C ARG B 23 18.83 5.61 -4.95
N LEU B 24 17.68 5.12 -5.40
CA LEU B 24 17.10 5.58 -6.67
C LEU B 24 16.48 6.96 -6.50
N ALA B 25 16.36 7.42 -5.26
CA ALA B 25 15.89 8.77 -4.98
C ALA B 25 17.06 9.68 -4.64
N GLY B 26 18.27 9.17 -4.84
CA GLY B 26 19.48 9.94 -4.60
C GLY B 26 19.83 10.07 -3.13
N GLN B 27 19.38 9.11 -2.33
CA GLN B 27 19.63 9.15 -0.88
C GLN B 27 20.24 7.85 -0.36
N PHE B 28 20.56 7.84 0.93
CA PHE B 28 21.05 6.64 1.58
C PHE B 28 20.73 6.68 3.08
N PRO B 29 20.49 5.52 3.69
CA PRO B 29 20.11 5.45 5.11
C PRO B 29 21.30 5.64 6.05
N ALA B 30 21.03 6.24 7.21
CA ALA B 30 22.04 6.44 8.23
C ALA B 30 21.43 6.37 9.62
N VAL B 31 22.26 6.22 10.65
CA VAL B 31 21.78 6.12 12.01
C VAL B 31 22.45 7.18 12.90
N VAL B 32 21.62 7.94 13.62
CA VAL B 32 22.12 8.93 14.57
C VAL B 32 21.85 8.46 15.99
N TYR B 33 22.91 8.34 16.78
CA TYR B 33 22.79 7.82 18.14
C TYR B 33 23.73 8.54 19.11
N GLY B 34 23.73 8.09 20.37
CA GLY B 34 24.60 8.67 21.37
C GLY B 34 23.83 9.51 22.37
N GLY B 35 24.19 9.38 23.65
CA GLY B 35 23.52 10.13 24.70
C GLY B 35 22.34 9.39 25.29
N GLU B 36 21.46 10.12 25.96
CA GLU B 36 20.29 9.52 26.59
C GLU B 36 19.16 9.31 25.59
N ALA B 37 19.18 10.08 24.50
CA ALA B 37 18.13 10.00 23.50
C ALA B 37 18.24 8.74 22.66
N ALA B 38 17.09 8.20 22.26
CA ALA B 38 17.04 6.99 21.45
C ALA B 38 17.60 7.25 20.05
N PRO B 39 18.17 6.21 19.42
CA PRO B 39 18.72 6.36 18.06
C PRO B 39 17.66 6.76 17.04
N VAL B 40 18.06 7.54 16.05
CA VAL B 40 17.14 8.01 15.02
C VAL B 40 17.61 7.64 13.62
N ALA B 41 16.80 6.87 12.91
CA ALA B 41 17.12 6.48 11.53
C ALA B 41 16.78 7.62 10.58
N VAL B 42 17.77 8.08 9.81
CA VAL B 42 17.56 9.20 8.90
C VAL B 42 17.97 8.87 7.48
N ALA B 43 17.56 9.74 6.55
CA ALA B 43 17.97 9.62 5.16
C ALA B 43 18.68 10.91 4.72
N LEU B 44 19.85 10.76 4.11
CA LEU B 44 20.65 11.90 3.69
C LEU B 44 20.87 11.91 2.19
N ASN B 45 21.10 13.10 1.64
CA ASN B 45 21.45 13.22 0.23
C ASN B 45 22.82 12.57 -0.02
N HIS B 46 22.84 11.59 -0.91
CA HIS B 46 24.05 10.80 -1.14
C HIS B 46 25.22 11.62 -1.65
N ASP B 47 25.07 12.15 -2.87
CA ASP B 47 26.16 12.86 -3.52
C ASP B 47 26.60 14.12 -2.77
N ASP B 48 25.67 14.72 -2.04
CA ASP B 48 25.98 15.90 -1.23
C ASP B 48 26.89 15.54 -0.06
N ILE B 49 26.56 14.43 0.61
CA ILE B 49 27.38 13.94 1.72
C ILE B 49 28.74 13.46 1.23
N VAL B 50 28.71 12.61 0.20
CA VAL B 50 29.92 12.00 -0.36
C VAL B 50 30.95 13.03 -0.81
N ASN B 51 30.46 14.14 -1.38
CA ASN B 51 31.35 15.17 -1.91
C ASN B 51 32.14 15.90 -0.83
N GLN B 52 31.79 15.67 0.43
CA GLN B 52 32.47 16.31 1.54
C GLN B 52 33.38 15.35 2.29
N MSE B 53 33.35 14.08 1.89
CA MSE B 53 34.06 13.04 2.63
C MSE B 53 35.56 12.99 2.31
O MSE B 53 36.26 12.09 2.77
CB MSE B 53 33.43 11.67 2.35
CG MSE B 53 31.99 11.58 2.82
SE MSE B 53 31.25 9.79 2.65
CE MSE B 53 32.47 8.85 3.84
N ASP B 54 36.03 13.96 1.54
CA ASP B 54 37.46 14.08 1.29
C ASP B 54 38.03 15.21 2.12
N LYS B 55 37.16 15.90 2.85
CA LYS B 55 37.56 16.97 3.75
C LYS B 55 37.79 16.44 5.16
N PRO B 56 38.93 16.80 5.78
CA PRO B 56 39.28 16.36 7.14
C PRO B 56 38.28 16.84 8.19
N GLU B 57 37.69 18.01 7.99
CA GLU B 57 36.78 18.57 8.99
C GLU B 57 35.42 17.89 8.97
N PHE B 58 35.16 17.11 7.92
CA PHE B 58 33.93 16.33 7.83
C PHE B 58 33.90 15.27 8.93
N TYR B 59 35.07 14.72 9.23
CA TYR B 59 35.18 13.66 10.24
C TYR B 59 35.37 14.25 11.63
N GLU B 60 35.38 15.57 11.71
CA GLU B 60 35.45 16.26 12.99
C GLU B 60 34.05 16.52 13.53
N ALA B 61 33.25 17.23 12.74
CA ALA B 61 31.88 17.57 13.12
C ALA B 61 31.08 18.10 11.94
N ILE B 62 29.84 17.62 11.82
CA ILE B 62 28.90 18.16 10.84
C ILE B 62 27.55 18.39 11.51
N THR B 63 26.62 19.01 10.78
CA THR B 63 25.31 19.33 11.34
C THR B 63 24.18 18.73 10.54
N LEU B 64 23.33 17.95 11.22
CA LEU B 64 22.18 17.34 10.57
C LEU B 64 20.88 18.01 11.01
N VAL B 65 20.12 18.49 10.04
CA VAL B 65 18.84 19.14 10.33
C VAL B 65 17.71 18.12 10.34
N ILE B 66 17.37 17.62 11.52
CA ILE B 66 16.35 16.59 11.65
C ILE B 66 15.01 17.18 12.06
N GLY B 67 14.11 17.32 11.08
CA GLY B 67 12.78 17.84 11.34
C GLY B 67 12.77 19.30 11.74
N GLY B 68 13.82 20.02 11.36
CA GLY B 68 13.94 21.44 11.68
C GLY B 68 15.04 21.71 12.69
N GLU B 69 15.15 20.85 13.70
CA GLU B 69 16.16 21.02 14.74
C GLU B 69 17.55 20.65 14.21
N GLU B 70 18.54 21.49 14.53
CA GLU B 70 19.92 21.22 14.13
C GLU B 70 20.60 20.33 15.17
N VAL B 71 21.25 19.27 14.69
CA VAL B 71 21.92 18.32 15.56
C VAL B 71 23.38 18.13 15.15
N LYS B 72 24.30 18.49 16.04
CA LYS B 72 25.72 18.29 15.78
C LYS B 72 26.12 16.84 15.99
N VAL B 73 26.69 16.24 14.94
CA VAL B 73 27.10 14.84 15.00
C VAL B 73 28.51 14.65 14.48
N LYS B 74 29.08 13.48 14.76
CA LYS B 74 30.38 13.10 14.24
C LYS B 74 30.33 11.71 13.64
N PRO B 75 30.77 11.56 12.39
CA PRO B 75 30.78 10.25 11.72
C PRO B 75 31.68 9.25 12.45
N GLN B 76 31.21 8.00 12.54
CA GLN B 76 31.94 6.97 13.26
C GLN B 76 32.57 5.96 12.31
N ASP B 77 33.80 5.55 12.62
CA ASP B 77 34.50 4.53 11.85
C ASP B 77 34.05 3.15 12.32
N VAL B 78 32.96 2.65 11.76
CA VAL B 78 32.40 1.37 12.17
C VAL B 78 32.54 0.32 11.07
N GLN B 79 31.91 0.57 9.93
CA GLN B 79 31.98 -0.33 8.79
C GLN B 79 33.41 -0.41 8.24
N ARG B 80 33.81 -1.60 7.81
CA ARG B 80 35.16 -1.81 7.30
C ARG B 80 35.40 -0.99 6.03
N HIS B 81 34.48 -1.09 5.09
CA HIS B 81 34.58 -0.32 3.84
C HIS B 81 33.37 0.59 3.67
N ALA B 82 33.57 1.88 3.93
CA ALA B 82 32.49 2.85 3.79
C ALA B 82 32.07 2.99 2.33
N PHE B 83 33.03 2.82 1.43
CA PHE B 83 32.75 2.93 0.00
C PHE B 83 32.60 1.55 -0.63
N LYS B 84 31.59 1.41 -1.47
CA LYS B 84 31.20 0.11 -2.01
C LYS B 84 31.73 -0.06 -3.44
N PRO B 85 31.85 -1.32 -3.90
CA PRO B 85 32.36 -1.66 -5.24
C PRO B 85 31.81 -0.79 -6.38
N LYS B 86 32.71 -0.43 -7.29
CA LYS B 86 32.38 0.41 -8.45
C LYS B 86 31.42 -0.32 -9.39
N VAL B 87 31.75 -1.56 -9.73
CA VAL B 87 30.96 -2.34 -10.69
C VAL B 87 30.17 -3.45 -10.00
N GLU B 88 28.87 -3.48 -10.27
CA GLU B 88 27.99 -4.49 -9.69
C GLU B 88 27.63 -5.55 -10.73
N HIS B 89 27.68 -5.17 -12.00
CA HIS B 89 27.40 -6.08 -13.10
C HIS B 89 27.98 -5.53 -14.40
N MSE B 90 28.28 -6.42 -15.34
CA MSE B 90 28.79 -6.00 -16.65
C MSE B 90 28.45 -7.01 -17.73
O MSE B 90 28.53 -8.22 -17.52
CB MSE B 90 30.31 -5.77 -16.58
CG MSE B 90 30.89 -5.12 -17.81
SE MSE B 90 32.73 -4.49 -17.53
CE MSE B 90 32.40 -3.22 -16.10
N ASP B 91 28.07 -6.51 -18.90
CA ASP B 91 27.76 -7.37 -20.04
C ASP B 91 28.89 -7.37 -21.06
N PHE B 92 29.17 -8.53 -21.64
CA PHE B 92 30.23 -8.66 -22.63
C PHE B 92 29.70 -9.30 -23.90
N ILE B 93 30.03 -8.71 -25.04
CA ILE B 93 29.55 -9.21 -26.32
C ILE B 93 30.71 -9.81 -27.12
N ARG B 94 30.45 -10.95 -27.76
CA ARG B 94 31.48 -11.62 -28.54
C ARG B 94 31.75 -10.89 -29.85
N ILE B 95 33.03 -10.59 -30.10
CA ILE B 95 33.43 -9.89 -31.31
C ILE B 95 34.48 -10.67 -32.09
N ALA C 3 19.06 -23.27 11.51
CA ALA C 3 20.12 -23.46 10.53
C ALA C 3 20.90 -22.17 10.30
N MSE C 4 20.18 -21.12 9.92
CA MSE C 4 20.79 -19.81 9.70
C MSE C 4 20.55 -18.90 10.89
O MSE C 4 20.39 -17.69 10.74
CB MSE C 4 20.26 -19.18 8.42
CG MSE C 4 20.73 -19.86 7.15
SE MSE C 4 22.68 -19.96 7.10
CE MSE C 4 22.90 -21.04 5.49
N LYS C 5 20.54 -19.49 12.08
CA LYS C 5 20.36 -18.75 13.32
C LYS C 5 21.56 -18.99 14.24
N PHE C 6 22.27 -17.93 14.56
CA PHE C 6 23.52 -18.05 15.34
C PHE C 6 23.47 -17.25 16.64
N GLU C 7 24.00 -17.83 17.70
CA GLU C 7 24.09 -17.16 19.00
C GLU C 7 25.26 -16.20 19.03
N ALA C 8 24.99 -14.94 19.34
CA ALA C 8 26.02 -13.92 19.39
C ALA C 8 26.28 -13.44 20.81
N VAL C 9 27.54 -13.16 21.12
CA VAL C 9 27.91 -12.61 22.43
C VAL C 9 28.34 -11.16 22.27
N VAL C 10 27.68 -10.27 23.01
CA VAL C 10 28.00 -8.85 22.96
C VAL C 10 29.37 -8.57 23.56
N ARG C 11 30.23 -7.90 22.78
CA ARG C 11 31.57 -7.57 23.25
C ARG C 11 31.59 -6.26 24.04
N THR C 12 32.14 -6.33 25.25
CA THR C 12 32.30 -5.14 26.08
C THR C 12 33.75 -4.67 26.05
N GLU C 13 34.67 -5.62 25.88
CA GLU C 13 36.08 -5.31 25.72
C GLU C 13 36.41 -5.27 24.23
N LEU C 14 36.76 -4.09 23.73
CA LEU C 14 36.93 -3.91 22.28
C LEU C 14 38.37 -3.71 21.85
N GLY C 15 39.31 -3.88 22.78
CA GLY C 15 40.72 -3.70 22.49
C GLY C 15 41.26 -4.70 21.48
N LYS C 16 42.44 -4.41 20.94
CA LYS C 16 43.10 -5.30 19.99
C LYS C 16 43.49 -6.61 20.67
N GLY C 17 43.74 -6.54 21.97
CA GLY C 17 44.08 -7.72 22.75
C GLY C 17 42.89 -8.64 22.93
N ALA C 18 41.72 -8.05 23.21
CA ALA C 18 40.50 -8.82 23.41
C ALA C 18 40.10 -9.56 22.14
N SER C 19 40.33 -8.93 20.99
CA SER C 19 39.98 -9.53 19.71
C SER C 19 40.83 -10.77 19.42
N ARG C 20 42.11 -10.70 19.75
CA ARG C 20 43.01 -11.83 19.54
C ARG C 20 42.69 -12.96 20.52
N ARG C 21 42.28 -12.60 21.73
CA ARG C 21 41.91 -13.59 22.72
C ARG C 21 40.66 -14.36 22.30
N LEU C 22 39.81 -13.71 21.51
CA LEU C 22 38.66 -14.37 20.91
C LEU C 22 39.13 -15.38 19.87
N ARG C 23 39.92 -14.90 18.91
CA ARG C 23 40.41 -15.73 17.82
C ARG C 23 41.24 -16.91 18.32
N LEU C 24 41.77 -16.78 19.53
CA LEU C 24 42.62 -17.81 20.11
C LEU C 24 41.80 -18.96 20.71
N ALA C 25 40.48 -18.84 20.65
CA ALA C 25 39.61 -19.86 21.23
C ALA C 25 38.30 -20.03 20.45
N GLY C 26 38.43 -20.28 19.14
CA GLY C 26 37.29 -20.60 18.31
C GLY C 26 36.31 -19.46 18.07
N GLN C 27 36.71 -18.24 18.39
CA GLN C 27 35.86 -17.08 18.17
C GLN C 27 36.41 -16.17 17.08
N PHE C 28 35.62 -15.18 16.68
CA PHE C 28 36.09 -14.10 15.83
C PHE C 28 35.17 -12.90 16.00
N PRO C 29 35.75 -11.69 16.04
CA PRO C 29 35.00 -10.45 16.25
C PRO C 29 34.15 -10.07 15.03
N ALA C 30 33.00 -9.48 15.29
CA ALA C 30 32.12 -9.02 14.23
C ALA C 30 31.34 -7.79 14.71
N VAL C 31 30.86 -7.00 13.76
CA VAL C 31 30.10 -5.80 14.11
C VAL C 31 28.76 -5.80 13.37
N VAL C 32 27.72 -5.32 14.03
CA VAL C 32 26.39 -5.23 13.45
C VAL C 32 25.89 -3.79 13.44
N TYR C 33 25.53 -3.29 12.27
CA TYR C 33 25.05 -1.92 12.14
C TYR C 33 23.91 -1.82 11.13
N GLY C 34 23.34 -0.62 11.00
CA GLY C 34 22.24 -0.40 10.07
C GLY C 34 20.89 -0.38 10.76
N GLY C 35 19.84 -0.13 9.98
CA GLY C 35 18.49 -0.08 10.51
C GLY C 35 18.22 1.19 11.29
N GLU C 36 17.66 1.03 12.48
CA GLU C 36 17.35 2.18 13.34
C GLU C 36 17.99 2.02 14.71
N ALA C 37 19.06 1.23 14.78
CA ALA C 37 19.75 0.99 16.04
C ALA C 37 21.24 1.28 15.91
N ALA C 38 21.87 1.58 17.04
CA ALA C 38 23.30 1.85 17.08
C ALA C 38 24.11 0.59 16.76
N PRO C 39 25.35 0.76 16.25
CA PRO C 39 26.23 -0.37 15.98
C PRO C 39 26.49 -1.22 17.22
N VAL C 40 26.59 -2.53 17.03
CA VAL C 40 26.83 -3.45 18.12
C VAL C 40 27.98 -4.40 17.82
N ALA C 41 29.00 -4.39 18.69
CA ALA C 41 30.12 -5.30 18.54
C ALA C 41 29.81 -6.65 19.16
N VAL C 42 29.91 -7.71 18.38
CA VAL C 42 29.58 -9.04 18.86
C VAL C 42 30.72 -10.03 18.60
N ALA C 43 30.59 -11.21 19.19
CA ALA C 43 31.52 -12.31 18.96
C ALA C 43 30.76 -13.54 18.48
N LEU C 44 31.26 -14.18 17.44
CA LEU C 44 30.59 -15.34 16.87
C LEU C 44 31.47 -16.58 16.92
N ASN C 45 30.83 -17.74 16.99
CA ASN C 45 31.56 -19.01 16.91
C ASN C 45 32.09 -19.20 15.50
N HIS C 46 33.41 -19.36 15.39
CA HIS C 46 34.06 -19.43 14.08
C HIS C 46 33.54 -20.57 13.23
N ASP C 47 33.71 -21.80 13.72
CA ASP C 47 33.34 -22.98 12.95
C ASP C 47 31.85 -23.03 12.62
N ASP C 48 31.02 -22.56 13.54
CA ASP C 48 29.57 -22.54 13.31
C ASP C 48 29.20 -21.64 12.14
N ILE C 49 29.80 -20.46 12.08
CA ILE C 49 29.56 -19.53 10.98
C ILE C 49 30.13 -20.06 9.67
N VAL C 50 31.40 -20.47 9.71
CA VAL C 50 32.11 -20.94 8.53
C VAL C 50 31.44 -22.16 7.89
N ASN C 51 30.93 -23.07 8.72
CA ASN C 51 30.27 -24.28 8.23
C ASN C 51 28.98 -24.01 7.46
N GLN C 52 28.56 -22.74 7.43
CA GLN C 52 27.33 -22.38 6.74
C GLN C 52 27.58 -21.39 5.61
N MSE C 53 28.84 -21.03 5.41
CA MSE C 53 29.19 -20.03 4.40
C MSE C 53 29.36 -20.66 3.01
O MSE C 53 29.81 -19.99 2.07
CB MSE C 53 30.47 -19.29 4.79
CG MSE C 53 30.32 -18.48 6.08
SE MSE C 53 31.81 -17.27 6.42
CE MSE C 53 31.55 -16.03 4.94
N ASP C 54 29.01 -21.93 2.88
CA ASP C 54 29.00 -22.59 1.58
C ASP C 54 27.58 -22.63 1.02
N LYS C 55 26.61 -22.40 1.90
CA LYS C 55 25.21 -22.34 1.51
C LYS C 55 24.83 -20.92 1.12
N PRO C 56 24.29 -20.75 -0.10
CA PRO C 56 23.98 -19.43 -0.66
C PRO C 56 22.96 -18.62 0.13
N GLU C 57 22.19 -19.25 1.01
CA GLU C 57 21.20 -18.53 1.81
C GLU C 57 21.84 -17.86 3.02
N PHE C 58 23.12 -18.13 3.25
CA PHE C 58 23.87 -17.43 4.28
C PHE C 58 24.09 -15.99 3.86
N TYR C 59 24.17 -15.78 2.54
CA TYR C 59 24.37 -14.45 1.99
C TYR C 59 23.02 -13.82 1.63
N GLU C 60 21.95 -14.58 1.86
CA GLU C 60 20.60 -14.10 1.64
C GLU C 60 20.06 -13.41 2.89
N ALA C 61 19.97 -14.17 3.97
CA ALA C 61 19.50 -13.65 5.25
C ALA C 61 19.78 -14.64 6.38
N ILE C 62 20.43 -14.15 7.44
CA ILE C 62 20.68 -14.96 8.62
C ILE C 62 20.19 -14.24 9.87
N THR C 63 20.05 -14.97 10.96
CA THR C 63 19.56 -14.41 12.21
C THR C 63 20.62 -14.49 13.32
N LEU C 64 20.91 -13.35 13.92
CA LEU C 64 21.83 -13.30 15.06
C LEU C 64 21.06 -13.05 16.34
N VAL C 65 21.27 -13.91 17.34
CA VAL C 65 20.63 -13.73 18.64
C VAL C 65 21.48 -12.81 19.50
N ILE C 66 21.10 -11.54 19.55
CA ILE C 66 21.87 -10.53 20.27
C ILE C 66 21.09 -9.99 21.46
N GLY C 67 21.60 -10.24 22.66
CA GLY C 67 20.97 -9.77 23.88
C GLY C 67 19.58 -10.34 24.09
N GLY C 68 19.39 -11.59 23.68
CA GLY C 68 18.12 -12.27 23.84
C GLY C 68 17.11 -11.90 22.78
N GLU C 69 17.58 -11.25 21.72
CA GLU C 69 16.69 -10.82 20.63
C GLU C 69 17.20 -11.31 19.27
N GLU C 70 16.26 -11.69 18.41
CA GLU C 70 16.60 -12.14 17.06
C GLU C 70 16.76 -10.94 16.13
N VAL C 71 17.96 -10.79 15.57
CA VAL C 71 18.24 -9.68 14.66
C VAL C 71 18.58 -10.19 13.26
N LYS C 72 17.69 -9.96 12.30
CA LYS C 72 17.91 -10.37 10.93
C LYS C 72 18.97 -9.50 10.26
N VAL C 73 20.03 -10.11 9.75
CA VAL C 73 21.12 -9.38 9.13
C VAL C 73 21.60 -10.03 7.84
N LYS C 74 22.42 -9.30 7.09
CA LYS C 74 23.10 -9.83 5.92
C LYS C 74 24.61 -9.66 6.10
N PRO C 75 25.40 -10.63 5.62
CA PRO C 75 26.85 -10.48 5.65
C PRO C 75 27.30 -9.34 4.75
N GLN C 76 27.92 -8.32 5.35
CA GLN C 76 28.27 -7.10 4.62
C GLN C 76 29.76 -7.08 4.22
N ASP C 77 30.59 -7.73 5.02
CA ASP C 77 32.03 -7.77 4.73
C ASP C 77 32.69 -8.95 5.43
N VAL C 78 33.71 -9.52 4.79
CA VAL C 78 34.41 -10.67 5.34
C VAL C 78 35.93 -10.48 5.27
N GLN C 79 36.56 -10.46 6.44
CA GLN C 79 38.02 -10.34 6.51
C GLN C 79 38.64 -11.71 6.82
N ARG C 80 39.52 -12.17 5.93
CA ARG C 80 40.15 -13.47 6.10
C ARG C 80 41.64 -13.34 6.44
N HIS C 81 42.19 -14.39 7.05
CA HIS C 81 43.60 -14.41 7.42
C HIS C 81 44.46 -14.56 6.17
N ALA C 82 45.66 -13.99 6.21
CA ALA C 82 46.56 -14.00 5.07
C ALA C 82 47.24 -15.34 4.87
N PHE C 83 47.52 -16.03 5.98
CA PHE C 83 48.28 -17.28 5.92
C PHE C 83 47.48 -18.46 6.46
N LYS C 84 46.20 -18.23 6.77
CA LYS C 84 45.35 -19.26 7.34
C LYS C 84 43.92 -19.20 6.80
N PRO C 85 43.23 -20.36 6.77
CA PRO C 85 41.82 -20.41 6.35
C PRO C 85 40.88 -20.07 7.49
N LYS C 86 41.08 -18.90 8.09
CA LYS C 86 40.26 -18.47 9.21
C LYS C 86 39.63 -17.11 8.96
N VAL C 87 38.37 -16.96 9.33
CA VAL C 87 37.68 -15.68 9.25
C VAL C 87 38.09 -14.81 10.43
N GLU C 88 38.75 -13.68 10.14
CA GLU C 88 39.29 -12.82 11.17
C GLU C 88 38.24 -11.82 11.69
N HIS C 89 37.38 -11.36 10.79
CA HIS C 89 36.40 -10.34 11.14
C HIS C 89 35.29 -10.26 10.10
N MSE C 90 34.09 -9.89 10.52
CA MSE C 90 32.98 -9.74 9.60
C MSE C 90 32.10 -8.53 9.92
O MSE C 90 32.04 -8.08 11.06
CB MSE C 90 32.11 -10.99 9.59
CG MSE C 90 32.72 -12.18 8.88
SE MSE C 90 31.47 -13.66 8.70
CE MSE C 90 30.23 -12.85 7.44
N ASP C 91 31.43 -8.02 8.89
CA ASP C 91 30.44 -6.97 9.05
C ASP C 91 29.05 -7.52 8.74
N PHE C 92 28.09 -7.16 9.57
CA PHE C 92 26.69 -7.53 9.31
C PHE C 92 25.80 -6.30 9.31
N ILE C 93 25.01 -6.14 8.25
CA ILE C 93 24.09 -5.02 8.18
C ILE C 93 22.65 -5.50 8.40
N ARG C 94 21.89 -4.74 9.18
CA ARG C 94 20.52 -5.13 9.54
C ARG C 94 19.58 -5.01 8.35
N ILE C 95 18.61 -5.92 8.28
CA ILE C 95 17.61 -5.90 7.22
C ILE C 95 16.19 -5.94 7.79
N MSE D 4 3.48 -7.22 -8.14
CA MSE D 4 3.14 -6.28 -9.20
C MSE D 4 3.72 -6.70 -10.55
O MSE D 4 4.93 -6.94 -10.67
CB MSE D 4 3.63 -4.87 -8.84
CG MSE D 4 2.80 -4.16 -7.79
SE MSE D 4 3.70 -2.56 -7.17
CE MSE D 4 5.25 -3.42 -6.36
N LYS D 5 2.86 -6.77 -11.55
CA LYS D 5 3.28 -7.15 -12.89
C LYS D 5 3.20 -5.97 -13.86
N PHE D 6 4.24 -5.80 -14.66
CA PHE D 6 4.28 -4.72 -15.63
C PHE D 6 4.54 -5.26 -17.04
N GLU D 7 3.77 -4.76 -17.99
CA GLU D 7 3.88 -5.19 -19.38
C GLU D 7 5.13 -4.60 -20.03
N ALA D 8 6.04 -5.48 -20.46
CA ALA D 8 7.27 -5.06 -21.11
C ALA D 8 7.29 -5.51 -22.56
N VAL D 9 7.43 -4.55 -23.47
CA VAL D 9 7.48 -4.85 -24.90
C VAL D 9 8.92 -4.85 -25.41
N VAL D 10 9.34 -5.99 -25.97
CA VAL D 10 10.68 -6.10 -26.53
C VAL D 10 10.80 -5.19 -27.75
N ARG D 11 11.72 -4.24 -27.68
CA ARG D 11 11.89 -3.25 -28.74
C ARG D 11 12.50 -3.88 -29.99
N THR D 12 11.89 -3.60 -31.13
CA THR D 12 12.36 -4.13 -32.41
C THR D 12 13.03 -3.05 -33.24
N GLU D 13 12.92 -1.81 -32.78
CA GLU D 13 13.54 -0.69 -33.48
C GLU D 13 14.21 0.26 -32.48
N LEU D 14 15.30 0.89 -32.91
CA LEU D 14 16.02 1.84 -32.08
C LEU D 14 16.30 3.13 -32.84
N GLY D 15 16.51 4.22 -32.12
CA GLY D 15 16.83 5.49 -32.76
C GLY D 15 15.86 6.60 -32.42
N LYS D 16 16.00 7.72 -33.14
CA LYS D 16 15.19 8.91 -32.90
C LYS D 16 13.71 8.65 -33.12
N GLY D 17 13.36 8.13 -34.30
CA GLY D 17 11.99 7.83 -34.64
C GLY D 17 11.37 6.78 -33.72
N ALA D 18 12.19 5.82 -33.32
CA ALA D 18 11.74 4.77 -32.41
C ALA D 18 11.44 5.34 -31.04
N SER D 19 12.28 6.25 -30.58
CA SER D 19 12.12 6.87 -29.28
C SER D 19 10.90 7.79 -29.25
N ARG D 20 10.65 8.47 -30.37
CA ARG D 20 9.52 9.39 -30.48
C ARG D 20 8.20 8.64 -30.44
N ARG D 21 8.19 7.41 -30.94
CA ARG D 21 7.00 6.58 -30.92
C ARG D 21 6.74 6.03 -29.52
N LEU D 22 7.81 5.82 -28.76
CA LEU D 22 7.67 5.38 -27.37
C LEU D 22 7.13 6.53 -26.53
N ARG D 23 7.68 7.73 -26.72
CA ARG D 23 7.23 8.91 -26.00
C ARG D 23 5.81 9.30 -26.40
N LEU D 24 5.32 8.70 -27.48
CA LEU D 24 3.99 8.98 -27.99
C LEU D 24 2.97 7.98 -27.45
N ALA D 25 3.43 6.77 -27.15
CA ALA D 25 2.57 5.74 -26.61
C ALA D 25 2.56 5.76 -25.08
N GLY D 26 3.16 6.81 -24.51
CA GLY D 26 3.25 6.93 -23.07
C GLY D 26 4.23 5.94 -22.48
N GLN D 27 5.27 5.63 -23.25
CA GLN D 27 6.25 4.63 -22.85
C GLN D 27 7.66 5.22 -22.76
N PHE D 28 8.50 4.59 -21.96
CA PHE D 28 9.89 5.00 -21.82
C PHE D 28 10.82 3.80 -21.99
N PRO D 29 12.03 4.03 -22.52
CA PRO D 29 12.98 2.95 -22.73
C PRO D 29 13.55 2.39 -21.43
N ALA D 30 13.70 1.08 -21.37
CA ALA D 30 14.27 0.41 -20.21
C ALA D 30 15.10 -0.79 -20.63
N VAL D 31 16.09 -1.15 -19.81
CA VAL D 31 16.95 -2.28 -20.09
C VAL D 31 16.85 -3.33 -18.99
N VAL D 32 16.72 -4.59 -19.39
CA VAL D 32 16.70 -5.70 -18.44
C VAL D 32 17.94 -6.57 -18.63
N TYR D 33 18.76 -6.66 -17.60
CA TYR D 33 19.97 -7.47 -17.68
C TYR D 33 20.20 -8.28 -16.40
N GLY D 34 21.27 -9.07 -16.40
CA GLY D 34 21.60 -9.91 -15.25
C GLY D 34 21.24 -11.35 -15.48
N GLY D 35 21.50 -12.19 -14.48
CA GLY D 35 21.21 -13.61 -14.59
C GLY D 35 22.13 -14.31 -15.56
N GLU D 36 21.54 -15.10 -16.46
CA GLU D 36 22.32 -15.84 -17.45
C GLU D 36 21.78 -15.58 -18.85
N ALA D 37 21.15 -14.44 -19.04
CA ALA D 37 20.59 -14.06 -20.33
C ALA D 37 21.18 -12.76 -20.82
N ALA D 38 21.17 -12.56 -22.14
CA ALA D 38 21.63 -11.32 -22.73
C ALA D 38 20.73 -10.17 -22.29
N PRO D 39 21.30 -8.95 -22.20
CA PRO D 39 20.50 -7.77 -21.88
C PRO D 39 19.48 -7.48 -22.97
N VAL D 40 18.26 -7.12 -22.58
CA VAL D 40 17.21 -6.83 -23.55
C VAL D 40 16.63 -5.43 -23.36
N ALA D 41 16.49 -4.71 -24.47
CA ALA D 41 15.90 -3.38 -24.43
C ALA D 41 14.38 -3.50 -24.53
N VAL D 42 13.68 -2.95 -23.53
CA VAL D 42 12.23 -3.03 -23.48
C VAL D 42 11.58 -1.65 -23.38
N ALA D 43 10.25 -1.64 -23.53
CA ALA D 43 9.48 -0.41 -23.40
C ALA D 43 8.40 -0.61 -22.34
N LEU D 44 8.37 0.30 -21.36
CA LEU D 44 7.42 0.18 -20.26
C LEU D 44 6.46 1.38 -20.21
N ASN D 45 5.25 1.13 -19.74
CA ASN D 45 4.28 2.21 -19.53
C ASN D 45 4.80 3.17 -18.47
N HIS D 46 4.93 4.45 -18.84
CA HIS D 46 5.52 5.46 -17.97
C HIS D 46 4.73 5.67 -16.69
N ASP D 47 3.46 6.05 -16.84
CA ASP D 47 2.63 6.37 -15.68
C ASP D 47 2.39 5.15 -14.79
N ASP D 48 2.33 3.97 -15.39
CA ASP D 48 2.14 2.74 -14.62
C ASP D 48 3.32 2.48 -13.69
N ILE D 49 4.53 2.71 -14.20
CA ILE D 49 5.74 2.50 -13.41
C ILE D 49 5.90 3.60 -12.35
N VAL D 50 5.81 4.85 -12.79
CA VAL D 50 6.04 6.00 -11.93
C VAL D 50 5.11 6.03 -10.72
N ASN D 51 3.84 5.68 -10.95
CA ASN D 51 2.85 5.70 -9.86
C ASN D 51 3.04 4.59 -8.84
N GLN D 52 4.07 3.76 -9.04
CA GLN D 52 4.35 2.66 -8.12
C GLN D 52 5.70 2.84 -7.44
N MSE D 53 6.47 3.84 -7.88
CA MSE D 53 7.82 4.04 -7.36
C MSE D 53 7.82 4.71 -5.99
O MSE D 53 8.90 4.99 -5.44
CB MSE D 53 8.64 4.86 -8.36
CG MSE D 53 8.80 4.19 -9.71
SE MSE D 53 10.11 5.07 -10.85
CE MSE D 53 9.44 6.90 -10.71
N ASP D 54 6.64 4.97 -5.45
CA ASP D 54 6.53 5.53 -4.10
C ASP D 54 6.26 4.42 -3.10
N LYS D 55 6.15 3.19 -3.60
CA LYS D 55 5.95 2.02 -2.75
C LYS D 55 7.25 1.25 -2.58
N PRO D 56 7.54 0.82 -1.34
CA PRO D 56 8.75 0.05 -1.06
C PRO D 56 8.72 -1.34 -1.72
N GLU D 57 7.52 -1.81 -2.03
CA GLU D 57 7.34 -3.11 -2.68
C GLU D 57 7.93 -3.10 -4.08
N PHE D 58 7.89 -1.94 -4.72
CA PHE D 58 8.42 -1.78 -6.07
C PHE D 58 9.92 -2.04 -6.13
N TYR D 59 10.60 -1.77 -5.03
CA TYR D 59 12.04 -1.92 -4.97
C TYR D 59 12.42 -3.25 -4.34
N GLU D 60 11.44 -3.92 -3.76
CA GLU D 60 11.63 -5.26 -3.21
C GLU D 60 11.75 -6.27 -4.34
N ALA D 61 10.67 -6.41 -5.12
CA ALA D 61 10.65 -7.30 -6.27
C ALA D 61 9.42 -7.05 -7.12
N ILE D 62 9.64 -6.83 -8.42
CA ILE D 62 8.53 -6.69 -9.36
C ILE D 62 8.69 -7.68 -10.50
N THR D 63 7.61 -7.90 -11.24
CA THR D 63 7.62 -8.86 -12.35
C THR D 63 7.38 -8.16 -13.68
N LEU D 64 8.32 -8.32 -14.61
CA LEU D 64 8.16 -7.80 -15.95
C LEU D 64 7.74 -8.91 -16.90
N VAL D 65 6.57 -8.77 -17.50
CA VAL D 65 6.08 -9.75 -18.46
C VAL D 65 6.73 -9.53 -19.82
N ILE D 66 7.77 -10.30 -20.10
CA ILE D 66 8.54 -10.14 -21.34
C ILE D 66 8.38 -11.34 -22.26
N GLY D 67 7.66 -11.13 -23.35
CA GLY D 67 7.45 -12.18 -24.34
C GLY D 67 6.66 -13.36 -23.81
N GLY D 68 5.70 -13.08 -22.92
CA GLY D 68 4.87 -14.12 -22.34
C GLY D 68 5.51 -14.76 -21.12
N GLU D 69 6.78 -14.44 -20.89
CA GLU D 69 7.51 -14.98 -19.75
C GLU D 69 7.53 -14.00 -18.58
N GLU D 70 7.23 -14.49 -17.39
CA GLU D 70 7.31 -13.67 -16.19
C GLU D 70 8.75 -13.57 -15.72
N VAL D 71 9.29 -12.35 -15.73
CA VAL D 71 10.67 -12.13 -15.32
C VAL D 71 10.75 -11.32 -14.03
N LYS D 72 11.20 -11.98 -12.97
CA LYS D 72 11.39 -11.31 -11.68
C LYS D 72 12.62 -10.42 -11.71
N VAL D 73 12.43 -9.14 -11.42
CA VAL D 73 13.53 -8.17 -11.46
C VAL D 73 13.52 -7.22 -10.28
N LYS D 74 14.60 -6.46 -10.16
CA LYS D 74 14.71 -5.34 -9.23
C LYS D 74 15.04 -4.08 -10.00
N PRO D 75 14.44 -2.94 -9.63
CA PRO D 75 14.85 -1.67 -10.23
C PRO D 75 16.28 -1.34 -9.81
N GLN D 76 17.20 -1.29 -10.79
CA GLN D 76 18.61 -1.10 -10.49
C GLN D 76 19.03 0.36 -10.55
N ASP D 77 18.62 1.05 -11.61
CA ASP D 77 18.94 2.46 -11.77
C ASP D 77 17.81 3.20 -12.46
N VAL D 78 17.78 4.53 -12.27
CA VAL D 78 16.72 5.35 -12.85
C VAL D 78 17.28 6.69 -13.30
N GLN D 79 16.83 7.16 -14.47
CA GLN D 79 17.24 8.45 -14.99
C GLN D 79 16.02 9.36 -15.17
N ARG D 80 15.94 10.39 -14.34
CA ARG D 80 14.87 11.37 -14.44
C ARG D 80 15.29 12.51 -15.35
N HIS D 81 14.32 13.28 -15.83
CA HIS D 81 14.62 14.43 -16.69
C HIS D 81 15.37 15.49 -15.89
N ALA D 82 16.08 16.36 -16.59
CA ALA D 82 16.92 17.38 -15.96
C ALA D 82 16.14 18.30 -15.03
N PHE D 83 14.88 18.55 -15.36
CA PHE D 83 14.03 19.42 -14.54
C PHE D 83 12.55 19.10 -14.69
N LYS D 84 12.23 18.09 -15.50
CA LYS D 84 10.85 17.65 -15.67
C LYS D 84 10.58 16.41 -14.83
N PRO D 85 9.41 16.36 -14.18
CA PRO D 85 9.03 15.29 -13.25
C PRO D 85 8.71 13.96 -13.92
N LYS D 86 9.53 13.54 -14.88
CA LYS D 86 9.29 12.28 -15.56
C LYS D 86 10.57 11.43 -15.64
N VAL D 87 10.40 10.16 -15.97
CA VAL D 87 11.52 9.23 -16.07
C VAL D 87 11.95 9.02 -17.52
N GLU D 88 13.24 9.21 -17.77
CA GLU D 88 13.80 9.07 -19.11
C GLU D 88 14.17 7.61 -19.43
N HIS D 89 14.78 6.94 -18.46
CA HIS D 89 15.29 5.59 -18.66
C HIS D 89 15.45 4.88 -17.32
N MSE D 90 15.31 3.55 -17.34
CA MSE D 90 15.52 2.75 -16.14
C MSE D 90 16.28 1.47 -16.42
O MSE D 90 16.25 0.95 -17.54
CB MSE D 90 14.18 2.41 -15.48
CG MSE D 90 13.50 3.57 -14.78
SE MSE D 90 12.08 2.98 -13.59
CE MSE D 90 13.17 1.94 -12.34
N ASP D 91 16.97 0.97 -15.41
CA ASP D 91 17.66 -0.32 -15.50
C ASP D 91 17.04 -1.30 -14.54
N PHE D 92 16.84 -2.53 -15.00
CA PHE D 92 16.31 -3.60 -14.16
C PHE D 92 17.25 -4.80 -14.17
N ILE D 93 17.56 -5.32 -12.99
CA ILE D 93 18.45 -6.47 -12.87
C ILE D 93 17.63 -7.72 -12.52
N ARG D 94 17.97 -8.85 -13.15
CA ARG D 94 17.23 -10.08 -12.93
C ARG D 94 17.56 -10.69 -11.57
N ILE D 95 16.53 -11.18 -10.89
CA ILE D 95 16.70 -11.81 -9.59
C ILE D 95 16.08 -13.20 -9.57
N ALA E 3 -45.26 -17.07 -2.07
CA ALA E 3 -44.06 -16.65 -1.35
C ALA E 3 -43.26 -15.63 -2.16
N MSE E 4 -43.43 -15.67 -3.48
CA MSE E 4 -42.73 -14.74 -4.36
C MSE E 4 -43.59 -13.51 -4.65
O MSE E 4 -43.33 -12.76 -5.58
CB MSE E 4 -42.33 -15.43 -5.67
CG MSE E 4 -41.28 -16.51 -5.46
SE MSE E 4 -39.69 -15.80 -4.59
CE MSE E 4 -39.13 -17.39 -3.62
N LYS E 5 -44.62 -13.32 -3.83
CA LYS E 5 -45.47 -12.14 -3.92
C LYS E 5 -45.01 -11.10 -2.91
N PHE E 6 -44.62 -9.92 -3.40
CA PHE E 6 -44.15 -8.85 -2.55
C PHE E 6 -44.94 -7.57 -2.79
N GLU E 7 -45.44 -6.98 -1.72
CA GLU E 7 -46.18 -5.73 -1.82
C GLU E 7 -45.25 -4.58 -2.15
N ALA E 8 -45.46 -3.95 -3.30
CA ALA E 8 -44.66 -2.81 -3.72
C ALA E 8 -45.40 -1.51 -3.46
N VAL E 9 -44.83 -0.68 -2.58
CA VAL E 9 -45.44 0.59 -2.24
C VAL E 9 -44.88 1.71 -3.11
N VAL E 10 -45.76 2.38 -3.86
CA VAL E 10 -45.37 3.48 -4.72
C VAL E 10 -44.81 4.64 -3.90
N ARG E 11 -43.60 5.07 -4.23
CA ARG E 11 -42.94 6.14 -3.49
C ARG E 11 -43.42 7.51 -3.92
N THR E 12 -43.74 8.35 -2.94
CA THR E 12 -44.20 9.71 -3.21
C THR E 12 -43.20 10.73 -2.71
N GLU E 13 -42.01 10.25 -2.34
CA GLU E 13 -40.94 11.11 -1.86
C GLU E 13 -39.58 10.53 -2.24
N LEU E 14 -38.82 11.29 -3.01
CA LEU E 14 -37.51 10.83 -3.48
C LEU E 14 -36.42 11.85 -3.15
N GLY E 15 -36.73 12.78 -2.25
CA GLY E 15 -35.78 13.81 -1.86
C GLY E 15 -34.68 13.29 -0.95
N LYS E 16 -34.05 14.21 -0.23
CA LYS E 16 -32.96 13.85 0.68
C LYS E 16 -33.50 13.09 1.89
N GLY E 17 -32.84 11.98 2.23
CA GLY E 17 -33.20 11.21 3.40
C GLY E 17 -34.36 10.24 3.18
N ALA E 18 -34.90 10.25 1.96
CA ALA E 18 -36.00 9.35 1.62
C ALA E 18 -35.54 7.90 1.63
N SER E 19 -34.29 7.69 1.23
CA SER E 19 -33.71 6.35 1.20
C SER E 19 -33.43 5.84 2.61
N ARG E 20 -32.85 6.70 3.44
CA ARG E 20 -32.51 6.35 4.81
C ARG E 20 -33.78 6.09 5.63
N ARG E 21 -34.85 6.81 5.31
CA ARG E 21 -36.12 6.64 6.00
C ARG E 21 -36.67 5.22 5.81
N LEU E 22 -36.55 4.71 4.59
CA LEU E 22 -37.08 3.39 4.27
C LEU E 22 -36.32 2.28 5.00
N ARG E 23 -35.00 2.42 5.10
CA ARG E 23 -34.18 1.42 5.76
C ARG E 23 -34.54 1.29 7.23
N LEU E 24 -34.85 2.42 7.86
CA LEU E 24 -35.24 2.42 9.27
C LEU E 24 -36.67 1.93 9.44
N ALA E 25 -37.39 1.83 8.32
CA ALA E 25 -38.73 1.27 8.33
C ALA E 25 -38.71 -0.18 7.87
N GLY E 26 -37.51 -0.69 7.62
CA GLY E 26 -37.34 -2.06 7.16
C GLY E 26 -37.64 -2.21 5.68
N GLN E 27 -37.35 -1.17 4.91
CA GLN E 27 -37.62 -1.17 3.48
C GLN E 27 -36.42 -0.67 2.68
N PHE E 28 -36.45 -0.86 1.37
CA PHE E 28 -35.39 -0.37 0.51
C PHE E 28 -35.95 0.04 -0.86
N PRO E 29 -35.40 1.12 -1.44
CA PRO E 29 -35.84 1.66 -2.73
C PRO E 29 -35.64 0.69 -3.88
N ALA E 30 -36.56 0.72 -4.84
CA ALA E 30 -36.46 -0.14 -6.02
C ALA E 30 -37.07 0.54 -7.24
N VAL E 31 -36.73 0.05 -8.43
CA VAL E 31 -37.24 0.61 -9.67
C VAL E 31 -37.79 -0.47 -10.60
N VAL E 32 -39.07 -0.35 -10.94
CA VAL E 32 -39.72 -1.28 -11.86
C VAL E 32 -39.82 -0.67 -13.25
N TYR E 33 -39.29 -1.37 -14.25
CA TYR E 33 -39.29 -0.85 -15.62
C TYR E 33 -39.43 -1.99 -16.64
N GLY E 34 -39.25 -1.65 -17.91
CA GLY E 34 -39.38 -2.63 -18.98
C GLY E 34 -40.69 -2.47 -19.73
N GLY E 35 -41.10 -3.55 -20.39
CA GLY E 35 -42.35 -3.55 -21.14
C GLY E 35 -42.43 -2.47 -22.19
N GLU E 36 -43.28 -1.48 -21.97
CA GLU E 36 -43.44 -0.35 -22.87
C GLU E 36 -44.05 0.84 -22.13
N ALA E 37 -43.68 0.98 -20.87
CA ALA E 37 -44.24 2.03 -20.02
C ALA E 37 -43.17 2.78 -19.24
N ALA E 38 -43.59 3.83 -18.54
CA ALA E 38 -42.69 4.61 -17.71
C ALA E 38 -42.26 3.83 -16.47
N PRO E 39 -41.03 4.07 -16.01
CA PRO E 39 -40.53 3.40 -14.80
C PRO E 39 -41.27 3.83 -13.55
N VAL E 40 -41.44 2.92 -12.59
CA VAL E 40 -42.13 3.22 -11.35
C VAL E 40 -41.23 2.97 -10.15
N ALA E 41 -41.03 4.01 -9.34
CA ALA E 41 -40.22 3.90 -8.14
C ALA E 41 -41.05 3.34 -6.99
N VAL E 42 -40.64 2.19 -6.48
CA VAL E 42 -41.38 1.52 -5.41
C VAL E 42 -40.50 1.21 -4.21
N ALA E 43 -41.13 0.96 -3.06
CA ALA E 43 -40.43 0.55 -1.85
C ALA E 43 -40.81 -0.87 -1.49
N LEU E 44 -39.82 -1.68 -1.13
CA LEU E 44 -40.04 -3.09 -0.87
C LEU E 44 -39.50 -3.52 0.49
N ASN E 45 -40.12 -4.56 1.06
CA ASN E 45 -39.68 -5.09 2.34
C ASN E 45 -38.29 -5.71 2.23
N HIS E 46 -37.37 -5.23 3.06
CA HIS E 46 -35.97 -5.63 2.96
C HIS E 46 -35.74 -7.09 3.33
N ASP E 47 -35.97 -7.43 4.59
CA ASP E 47 -35.66 -8.76 5.12
C ASP E 47 -36.40 -9.88 4.40
N ASP E 48 -37.61 -9.58 3.92
CA ASP E 48 -38.42 -10.57 3.23
C ASP E 48 -37.81 -10.95 1.89
N ILE E 49 -37.34 -9.93 1.15
CA ILE E 49 -36.76 -10.16 -0.17
C ILE E 49 -35.39 -10.83 -0.07
N VAL E 50 -34.55 -10.35 0.84
CA VAL E 50 -33.21 -10.88 1.04
C VAL E 50 -33.24 -12.38 1.33
N ASN E 51 -34.22 -12.82 2.12
CA ASN E 51 -34.34 -14.23 2.49
C ASN E 51 -34.66 -15.12 1.28
N GLN E 52 -35.16 -14.51 0.21
CA GLN E 52 -35.52 -15.26 -0.99
C GLN E 52 -34.40 -15.24 -2.02
N MSE E 53 -33.35 -14.47 -1.74
CA MSE E 53 -32.27 -14.29 -2.71
C MSE E 53 -31.26 -15.43 -2.68
O MSE E 53 -30.23 -15.37 -3.35
CB MSE E 53 -31.56 -12.97 -2.45
CG MSE E 53 -32.45 -11.75 -2.64
SE MSE E 53 -31.48 -10.08 -2.47
CE MSE E 53 -30.19 -10.34 -3.91
N ASP E 54 -31.56 -16.47 -1.91
CA ASP E 54 -30.70 -17.65 -1.88
C ASP E 54 -31.32 -18.75 -2.74
N LYS E 55 -32.57 -18.53 -3.13
CA LYS E 55 -33.30 -19.49 -3.96
C LYS E 55 -33.25 -19.06 -5.42
N PRO E 56 -32.76 -19.96 -6.29
CA PRO E 56 -32.57 -19.68 -7.73
C PRO E 56 -33.86 -19.27 -8.45
N GLU E 57 -35.00 -19.60 -7.87
CA GLU E 57 -36.29 -19.25 -8.46
C GLU E 57 -36.50 -17.74 -8.45
N PHE E 58 -35.90 -17.07 -7.46
CA PHE E 58 -36.06 -15.63 -7.29
C PHE E 58 -35.54 -14.84 -8.49
N TYR E 59 -34.48 -15.35 -9.11
CA TYR E 59 -33.85 -14.67 -10.24
C TYR E 59 -34.47 -15.10 -11.56
N GLU E 60 -35.59 -15.81 -11.48
CA GLU E 60 -36.31 -16.25 -12.67
C GLU E 60 -37.54 -15.39 -12.91
N ALA E 61 -38.44 -15.38 -11.94
CA ALA E 61 -39.68 -14.60 -12.03
C ALA E 61 -40.32 -14.39 -10.68
N ILE E 62 -40.56 -13.13 -10.32
CA ILE E 62 -41.27 -12.79 -9.10
C ILE E 62 -42.45 -11.88 -9.40
N THR E 63 -43.34 -11.72 -8.43
CA THR E 63 -44.53 -10.89 -8.62
C THR E 63 -44.59 -9.76 -7.60
N LEU E 64 -44.51 -8.52 -8.10
CA LEU E 64 -44.63 -7.35 -7.25
C LEU E 64 -46.05 -6.78 -7.30
N VAL E 65 -46.61 -6.51 -6.13
CA VAL E 65 -47.97 -5.96 -6.04
C VAL E 65 -47.92 -4.44 -5.98
N ILE E 66 -48.03 -3.81 -7.14
CA ILE E 66 -48.01 -2.35 -7.23
C ILE E 66 -49.42 -1.79 -7.37
N GLY E 67 -49.94 -1.23 -6.28
CA GLY E 67 -51.28 -0.67 -6.29
C GLY E 67 -52.34 -1.74 -6.45
N GLY E 68 -52.04 -2.95 -5.97
CA GLY E 68 -52.98 -4.06 -6.06
C GLY E 68 -52.74 -4.92 -7.29
N GLU E 69 -52.17 -4.31 -8.32
CA GLU E 69 -51.90 -5.01 -9.56
C GLU E 69 -50.70 -5.93 -9.39
N GLU E 70 -50.77 -7.09 -10.03
CA GLU E 70 -49.70 -8.09 -9.92
C GLU E 70 -48.78 -8.01 -11.14
N VAL E 71 -47.72 -7.21 -11.02
CA VAL E 71 -46.79 -7.03 -12.12
C VAL E 71 -45.66 -8.06 -12.04
N LYS E 72 -45.61 -8.95 -13.03
CA LYS E 72 -44.59 -9.99 -13.07
C LYS E 72 -43.26 -9.42 -13.56
N VAL E 73 -42.27 -9.38 -12.67
CA VAL E 73 -40.99 -8.78 -12.99
C VAL E 73 -39.82 -9.73 -12.75
N LYS E 74 -38.68 -9.41 -13.37
CA LYS E 74 -37.47 -10.19 -13.23
C LYS E 74 -36.34 -9.32 -12.71
N PRO E 75 -35.71 -9.73 -11.60
CA PRO E 75 -34.63 -8.94 -10.99
C PRO E 75 -33.42 -8.80 -11.92
N GLN E 76 -32.89 -7.60 -12.02
CA GLN E 76 -31.79 -7.32 -12.95
C GLN E 76 -30.45 -7.21 -12.24
N ASP E 77 -29.50 -8.05 -12.66
CA ASP E 77 -28.15 -8.00 -12.13
C ASP E 77 -27.40 -6.80 -12.72
N VAL E 78 -27.58 -5.64 -12.10
CA VAL E 78 -26.99 -4.40 -12.59
C VAL E 78 -25.80 -3.98 -11.74
N GLN E 79 -26.06 -3.71 -10.46
CA GLN E 79 -25.00 -3.33 -9.53
C GLN E 79 -24.02 -4.47 -9.32
N ARG E 80 -22.76 -4.12 -9.08
CA ARG E 80 -21.70 -5.12 -8.91
C ARG E 80 -21.96 -5.97 -7.66
N HIS E 81 -21.84 -5.34 -6.50
CA HIS E 81 -22.11 -6.03 -5.23
C HIS E 81 -23.48 -5.64 -4.70
N ALA E 82 -24.44 -6.55 -4.83
CA ALA E 82 -25.80 -6.31 -4.36
C ALA E 82 -25.85 -6.21 -2.84
N PHE E 83 -24.81 -6.73 -2.18
CA PHE E 83 -24.73 -6.68 -0.73
C PHE E 83 -23.55 -5.82 -0.28
N LYS E 84 -23.85 -4.76 0.46
CA LYS E 84 -22.83 -3.84 0.94
C LYS E 84 -21.95 -4.52 1.99
N PRO E 85 -20.72 -4.01 2.20
CA PRO E 85 -19.75 -4.53 3.17
C PRO E 85 -20.34 -4.86 4.54
N LYS E 86 -19.77 -5.86 5.21
CA LYS E 86 -20.24 -6.31 6.51
C LYS E 86 -20.06 -5.25 7.58
N VAL E 87 -18.89 -4.60 7.59
CA VAL E 87 -18.58 -3.59 8.59
C VAL E 87 -18.52 -2.20 7.96
N GLU E 88 -19.22 -1.24 8.58
CA GLU E 88 -19.22 0.13 8.09
C GLU E 88 -18.49 1.06 9.06
N HIS E 89 -18.64 0.79 10.35
CA HIS E 89 -17.96 1.57 11.38
C HIS E 89 -17.66 0.71 12.60
N MSE E 90 -16.58 1.03 13.31
CA MSE E 90 -16.17 0.26 14.47
C MSE E 90 -15.38 1.11 15.45
O MSE E 90 -14.53 1.90 15.05
CB MSE E 90 -15.35 -0.96 14.03
CG MSE E 90 -15.50 -2.18 14.92
SE MSE E 90 -14.46 -3.70 14.28
CE MSE E 90 -15.32 -5.11 15.31
N ASP E 91 -15.66 0.93 16.75
CA ASP E 91 -14.95 1.68 17.78
C ASP E 91 -14.09 0.75 18.63
N PHE E 92 -12.99 1.28 19.16
CA PHE E 92 -12.05 0.48 19.93
C PHE E 92 -11.67 1.16 21.25
N ILE E 93 -11.49 0.36 22.30
CA ILE E 93 -11.08 0.87 23.60
C ILE E 93 -9.69 0.34 23.97
N ARG E 94 -8.80 1.25 24.36
CA ARG E 94 -7.46 0.88 24.79
C ARG E 94 -7.52 0.03 26.05
N ILE E 95 -6.82 -1.10 26.04
CA ILE E 95 -6.78 -1.99 27.19
C ILE E 95 -5.35 -2.35 27.56
N MSE F 4 -2.95 -10.55 14.16
CA MSE F 4 -3.94 -9.77 14.91
C MSE F 4 -3.52 -8.31 15.02
O MSE F 4 -4.07 -7.56 15.83
CB MSE F 4 -4.13 -10.36 16.31
CG MSE F 4 -4.96 -11.63 16.33
SE MSE F 4 -6.80 -11.32 15.73
CE MSE F 4 -7.45 -13.15 15.84
N LYS F 5 -2.58 -7.90 14.19
CA LYS F 5 -2.15 -6.51 14.15
C LYS F 5 -2.68 -5.82 12.90
N PHE F 6 -3.17 -4.60 13.05
CA PHE F 6 -3.75 -3.86 11.93
C PHE F 6 -3.23 -2.44 11.84
N GLU F 7 -2.88 -2.01 10.63
CA GLU F 7 -2.42 -0.64 10.41
C GLU F 7 -3.60 0.33 10.47
N ALA F 8 -3.45 1.37 11.29
CA ALA F 8 -4.50 2.38 11.44
C ALA F 8 -4.05 3.73 10.92
N VAL F 9 -4.58 4.14 9.77
CA VAL F 9 -4.24 5.43 9.19
C VAL F 9 -5.03 6.55 9.86
N VAL F 10 -4.29 7.49 10.47
CA VAL F 10 -4.92 8.63 11.12
C VAL F 10 -5.68 9.48 10.10
N ARG F 11 -7.00 9.55 10.28
CA ARG F 11 -7.86 10.25 9.33
C ARG F 11 -7.54 11.73 9.22
N THR F 12 -7.52 12.24 8.00
CA THR F 12 -7.22 13.65 7.75
C THR F 12 -8.49 14.47 7.59
N GLU F 13 -9.46 13.92 6.86
CA GLU F 13 -10.71 14.63 6.61
C GLU F 13 -11.90 13.92 7.26
N LEU F 14 -12.83 14.72 7.79
CA LEU F 14 -14.03 14.19 8.43
C LEU F 14 -15.29 14.81 7.83
N GLY F 15 -16.43 14.15 8.03
CA GLY F 15 -17.70 14.71 7.63
C GLY F 15 -18.26 14.21 6.31
N LYS F 16 -18.73 15.15 5.49
CA LYS F 16 -19.41 14.83 4.25
C LYS F 16 -18.47 14.24 3.19
N GLY F 17 -18.78 13.03 2.74
CA GLY F 17 -18.04 12.39 1.67
C GLY F 17 -16.76 11.70 2.09
N ALA F 18 -16.19 12.14 3.20
CA ALA F 18 -14.93 11.60 3.70
C ALA F 18 -15.08 10.14 4.11
N SER F 19 -16.20 9.82 4.75
CA SER F 19 -16.46 8.46 5.21
C SER F 19 -16.69 7.49 4.06
N ARG F 20 -17.36 7.96 3.02
CA ARG F 20 -17.71 7.10 1.89
C ARG F 20 -16.48 6.76 1.05
N ARG F 21 -15.54 7.69 0.98
CA ARG F 21 -14.30 7.48 0.23
C ARG F 21 -13.52 6.29 0.78
N LEU F 22 -13.55 6.12 2.11
CA LEU F 22 -12.87 5.01 2.75
C LEU F 22 -13.47 3.67 2.33
N ARG F 23 -14.79 3.61 2.31
CA ARG F 23 -15.50 2.36 2.01
C ARG F 23 -15.35 1.95 0.55
N LEU F 24 -15.16 2.95 -0.32
CA LEU F 24 -14.94 2.67 -1.73
C LEU F 24 -13.49 2.30 -1.97
N ALA F 25 -12.67 2.44 -0.93
CA ALA F 25 -11.26 2.09 -1.01
C ALA F 25 -10.95 0.88 -0.12
N GLY F 26 -11.97 0.08 0.15
CA GLY F 26 -11.82 -1.13 0.94
C GLY F 26 -11.48 -0.87 2.39
N GLN F 27 -12.03 0.20 2.94
CA GLN F 27 -11.77 0.58 4.33
C GLN F 27 -13.05 1.00 5.04
N PHE F 28 -12.90 1.48 6.28
CA PHE F 28 -14.04 1.98 7.04
C PHE F 28 -13.56 2.86 8.20
N PRO F 29 -14.32 3.93 8.51
CA PRO F 29 -14.00 4.85 9.60
C PRO F 29 -13.96 4.16 10.96
N ALA F 30 -13.07 4.61 11.83
CA ALA F 30 -12.94 4.04 13.16
C ALA F 30 -12.41 5.06 14.16
N VAL F 31 -12.98 5.03 15.37
CA VAL F 31 -12.56 5.95 16.43
C VAL F 31 -11.90 5.19 17.58
N VAL F 32 -10.65 5.55 17.89
CA VAL F 32 -9.93 4.91 18.97
C VAL F 32 -9.96 5.76 20.24
N TYR F 33 -10.68 5.29 21.25
CA TYR F 33 -10.77 6.00 22.52
C TYR F 33 -10.45 5.06 23.68
N GLY F 34 -10.69 5.52 24.90
CA GLY F 34 -10.46 4.70 26.07
C GLY F 34 -9.25 5.16 26.87
N GLY F 35 -9.11 4.63 28.07
CA GLY F 35 -8.03 5.03 28.96
C GLY F 35 -8.16 6.49 29.35
N GLU F 36 -7.03 7.16 29.50
CA GLU F 36 -7.04 8.59 29.77
C GLU F 36 -6.26 9.33 28.67
N ALA F 37 -6.45 8.88 27.44
CA ALA F 37 -5.80 9.48 26.28
C ALA F 37 -6.82 10.08 25.33
N ALA F 38 -6.39 11.05 24.54
CA ALA F 38 -7.28 11.73 23.61
C ALA F 38 -7.76 10.78 22.51
N PRO F 39 -9.05 10.90 22.13
CA PRO F 39 -9.61 10.08 21.06
C PRO F 39 -9.01 10.40 19.70
N VAL F 40 -9.12 9.48 18.75
CA VAL F 40 -8.52 9.66 17.44
C VAL F 40 -9.26 8.86 16.37
N ALA F 41 -9.60 9.52 15.26
CA ALA F 41 -10.27 8.87 14.15
C ALA F 41 -9.26 8.21 13.22
N VAL F 42 -9.40 6.90 13.01
CA VAL F 42 -8.47 6.17 12.16
C VAL F 42 -9.21 5.37 11.07
N ALA F 43 -8.45 4.90 10.08
CA ALA F 43 -9.01 4.09 9.00
C ALA F 43 -8.37 2.71 8.98
N LEU F 44 -9.19 1.69 8.78
CA LEU F 44 -8.72 0.31 8.80
C LEU F 44 -9.18 -0.46 7.57
N ASN F 45 -8.37 -1.42 7.12
CA ASN F 45 -8.76 -2.28 6.02
C ASN F 45 -9.96 -3.14 6.38
N HIS F 46 -10.93 -3.21 5.47
CA HIS F 46 -12.17 -3.91 5.73
C HIS F 46 -12.00 -5.42 5.82
N ASP F 47 -11.49 -6.02 4.74
CA ASP F 47 -11.40 -7.47 4.63
C ASP F 47 -10.40 -8.10 5.62
N ASP F 48 -9.29 -7.42 5.88
CA ASP F 48 -8.27 -7.95 6.77
C ASP F 48 -8.78 -8.08 8.21
N ILE F 49 -9.81 -7.32 8.54
CA ILE F 49 -10.40 -7.39 9.86
C ILE F 49 -11.50 -8.45 9.92
N VAL F 50 -12.38 -8.45 8.93
CA VAL F 50 -13.49 -9.40 8.86
C VAL F 50 -12.99 -10.85 8.82
N ASN F 51 -11.87 -11.07 8.13
CA ASN F 51 -11.29 -12.41 7.99
C ASN F 51 -10.98 -13.08 9.33
N GLN F 52 -10.72 -12.28 10.36
CA GLN F 52 -10.38 -12.81 11.67
C GLN F 52 -11.48 -12.52 12.70
N MSE F 53 -12.63 -12.03 12.23
CA MSE F 53 -13.74 -11.69 13.11
C MSE F 53 -14.52 -12.93 13.55
O MSE F 53 -15.48 -12.81 14.31
CB MSE F 53 -14.68 -10.69 12.43
CG MSE F 53 -14.22 -9.25 12.51
SE MSE F 53 -15.55 -7.99 11.82
CE MSE F 53 -16.97 -8.33 13.11
N ASP F 54 -14.12 -14.09 13.06
CA ASP F 54 -14.74 -15.34 13.49
C ASP F 54 -13.84 -16.08 14.46
N LYS F 55 -12.82 -15.37 14.93
CA LYS F 55 -11.90 -15.90 15.95
C LYS F 55 -12.13 -15.18 17.27
N PRO F 56 -12.30 -15.96 18.36
CA PRO F 56 -12.59 -15.43 19.69
C PRO F 56 -11.54 -14.43 20.20
N GLU F 57 -10.30 -14.57 19.74
CA GLU F 57 -9.22 -13.72 20.19
C GLU F 57 -9.37 -12.27 19.70
N PHE F 58 -10.09 -12.10 18.59
CA PHE F 58 -10.31 -10.79 18.01
C PHE F 58 -11.07 -9.86 18.95
N TYR F 59 -12.04 -10.43 19.67
CA TYR F 59 -12.91 -9.64 20.54
C TYR F 59 -12.32 -9.52 21.94
N GLU F 60 -11.16 -10.13 22.14
CA GLU F 60 -10.44 -10.02 23.40
C GLU F 60 -9.44 -8.86 23.33
N ALA F 61 -8.57 -8.91 22.32
CA ALA F 61 -7.54 -7.89 22.15
C ALA F 61 -6.90 -7.95 20.76
N ILE F 62 -6.81 -6.80 20.11
CA ILE F 62 -6.09 -6.68 18.86
C ILE F 62 -5.13 -5.50 18.92
N THR F 63 -4.12 -5.49 18.06
CA THR F 63 -3.12 -4.43 18.06
C THR F 63 -3.29 -3.48 16.88
N LEU F 64 -3.40 -2.19 17.18
CA LEU F 64 -3.50 -1.18 16.14
C LEU F 64 -2.24 -0.33 16.08
N VAL F 65 -1.65 -0.23 14.89
CA VAL F 65 -0.45 0.57 14.70
C VAL F 65 -0.82 1.98 14.24
N ILE F 66 -0.81 2.91 15.19
CA ILE F 66 -1.15 4.31 14.91
C ILE F 66 0.08 5.20 14.99
N GLY F 67 0.58 5.63 13.83
CA GLY F 67 1.73 6.50 13.77
C GLY F 67 3.00 5.84 14.29
N GLY F 68 3.18 4.58 13.93
CA GLY F 68 4.37 3.84 14.33
C GLY F 68 4.21 3.17 15.69
N GLU F 69 3.29 3.69 16.49
CA GLU F 69 3.05 3.16 17.83
C GLU F 69 2.01 2.05 17.82
N GLU F 70 2.32 0.94 18.47
CA GLU F 70 1.40 -0.19 18.55
C GLU F 70 0.51 -0.08 19.78
N VAL F 71 -0.79 0.05 19.56
CA VAL F 71 -1.75 0.20 20.65
C VAL F 71 -2.65 -1.02 20.78
N LYS F 72 -2.71 -1.57 21.98
CA LYS F 72 -3.56 -2.74 22.26
C LYS F 72 -4.98 -2.29 22.58
N VAL F 73 -5.92 -2.65 21.70
CA VAL F 73 -7.31 -2.23 21.87
C VAL F 73 -8.28 -3.41 21.85
N LYS F 74 -9.52 -3.13 22.25
CA LYS F 74 -10.58 -4.14 22.26
C LYS F 74 -11.79 -3.65 21.50
N PRO F 75 -12.18 -4.37 20.43
CA PRO F 75 -13.35 -4.02 19.62
C PRO F 75 -14.64 -3.95 20.44
N GLN F 76 -15.47 -2.95 20.18
CA GLN F 76 -16.71 -2.74 20.95
C GLN F 76 -17.97 -2.98 20.11
N ASP F 77 -19.13 -2.91 20.76
CA ASP F 77 -20.44 -3.14 20.13
C ASP F 77 -20.55 -4.52 19.48
N VAL F 78 -20.31 -4.56 18.17
CA VAL F 78 -20.44 -5.77 17.34
C VAL F 78 -21.82 -6.42 17.39
N GLN F 79 -22.12 -7.13 18.48
CA GLN F 79 -23.40 -7.84 18.59
C GLN F 79 -24.47 -7.01 19.29
N HIS F 81 -26.86 -4.91 17.64
CA HIS F 81 -27.50 -5.24 16.38
C HIS F 81 -27.00 -6.58 15.84
N ALA F 82 -27.51 -6.99 14.68
CA ALA F 82 -27.20 -8.30 14.10
C ALA F 82 -26.41 -8.17 12.79
N PHE F 83 -25.57 -9.17 12.49
CA PHE F 83 -24.87 -9.17 11.21
C PHE F 83 -25.68 -9.97 10.22
N LYS F 84 -25.94 -9.36 9.06
CA LYS F 84 -26.83 -9.95 8.06
C LYS F 84 -26.65 -9.30 6.70
N PRO F 85 -26.98 -10.03 5.62
CA PRO F 85 -26.95 -9.46 4.28
C PRO F 85 -27.87 -8.26 4.15
N LYS F 86 -27.41 -7.19 3.50
CA LYS F 86 -28.20 -5.99 3.33
C LYS F 86 -28.17 -5.48 1.89
N VAL F 87 -29.30 -4.93 1.44
CA VAL F 87 -29.45 -4.41 0.09
C VAL F 87 -29.94 -2.96 0.14
N GLU F 88 -29.33 -2.09 -0.65
CA GLU F 88 -29.69 -0.67 -0.67
C GLU F 88 -30.59 -0.31 -1.84
N HIS F 89 -30.50 -1.11 -2.91
CA HIS F 89 -31.26 -0.82 -4.13
C HIS F 89 -31.37 -2.06 -5.02
N MSE F 90 -32.42 -2.11 -5.83
CA MSE F 90 -32.61 -3.21 -6.77
C MSE F 90 -33.49 -2.80 -7.94
O MSE F 90 -34.43 -2.02 -7.78
CB MSE F 90 -33.20 -4.41 -6.04
CG MSE F 90 -33.20 -5.69 -6.85
SE MSE F 90 -33.20 -7.26 -5.70
CE MSE F 90 -31.47 -7.01 -4.86
N ASP F 91 -33.16 -3.31 -9.12
CA ASP F 91 -33.93 -3.02 -10.32
C ASP F 91 -34.68 -4.25 -10.83
N PHE F 92 -35.93 -4.06 -11.23
CA PHE F 92 -36.75 -5.15 -11.74
C PHE F 92 -37.30 -4.81 -13.12
N ILE F 93 -37.17 -5.73 -14.06
CA ILE F 93 -37.69 -5.51 -15.41
C ILE F 93 -38.97 -6.29 -15.63
N ARG F 94 -39.93 -5.68 -16.30
CA ARG F 94 -41.22 -6.29 -16.57
C ARG F 94 -41.13 -7.41 -17.60
N ILE F 95 -41.75 -8.54 -17.31
CA ILE F 95 -41.76 -9.67 -18.23
C ILE F 95 -43.18 -10.18 -18.47
N ALA G 3 -16.74 21.88 -13.38
CA ALA G 3 -16.31 21.51 -12.03
C ALA G 3 -16.61 20.05 -11.74
N MSE G 4 -17.69 19.80 -11.02
CA MSE G 4 -18.11 18.43 -10.72
C MSE G 4 -19.14 17.94 -11.73
O MSE G 4 -19.99 17.11 -11.41
CB MSE G 4 -18.66 18.33 -9.30
CG MSE G 4 -17.61 18.41 -8.21
SE MSE G 4 -16.33 16.94 -8.31
CE MSE G 4 -15.21 17.38 -6.79
N LYS G 5 -19.06 18.47 -12.95
CA LYS G 5 -19.91 18.02 -14.04
C LYS G 5 -19.10 17.28 -15.09
N PHE G 6 -19.52 16.05 -15.39
CA PHE G 6 -18.79 15.21 -16.34
C PHE G 6 -19.67 14.79 -17.50
N GLU G 7 -19.10 14.82 -18.71
CA GLU G 7 -19.82 14.38 -19.90
C GLU G 7 -19.83 12.87 -20.00
N ALA G 8 -21.02 12.30 -20.20
CA ALA G 8 -21.17 10.86 -20.27
C ALA G 8 -21.69 10.41 -21.64
N VAL G 9 -21.22 9.24 -22.08
CA VAL G 9 -21.65 8.66 -23.34
C VAL G 9 -22.42 7.37 -23.10
N VAL G 10 -23.63 7.28 -23.63
CA VAL G 10 -24.46 6.09 -23.46
C VAL G 10 -23.83 4.87 -24.14
N ARG G 11 -23.70 3.78 -23.38
CA ARG G 11 -23.12 2.56 -23.91
C ARG G 11 -24.18 1.59 -24.42
N THR G 12 -23.87 0.93 -25.53
CA THR G 12 -24.76 -0.08 -26.08
C THR G 12 -24.03 -1.41 -26.15
N GLU G 13 -22.76 -1.35 -26.53
CA GLU G 13 -21.94 -2.55 -26.64
C GLU G 13 -21.48 -3.01 -25.26
N LEU G 14 -22.05 -4.12 -24.78
CA LEU G 14 -21.72 -4.64 -23.46
C LEU G 14 -20.84 -5.88 -23.55
N GLY G 15 -20.14 -6.20 -22.46
CA GLY G 15 -19.29 -7.37 -22.41
C GLY G 15 -17.88 -7.02 -21.96
N LYS G 16 -17.12 -8.02 -21.49
CA LYS G 16 -15.75 -7.77 -21.05
C LYS G 16 -14.88 -7.26 -22.19
N GLY G 17 -15.12 -7.75 -23.41
CA GLY G 17 -14.35 -7.36 -24.56
C GLY G 17 -14.51 -5.89 -24.91
N ALA G 18 -15.75 -5.40 -24.86
CA ALA G 18 -16.04 -4.01 -25.18
C ALA G 18 -15.56 -3.08 -24.08
N SER G 19 -15.57 -3.56 -22.85
CA SER G 19 -15.15 -2.76 -21.70
C SER G 19 -13.65 -2.47 -21.75
N ARG G 20 -12.88 -3.40 -22.31
CA ARG G 20 -11.44 -3.22 -22.46
C ARG G 20 -11.14 -2.18 -23.53
N ARG G 21 -12.00 -2.10 -24.54
CA ARG G 21 -11.82 -1.16 -25.64
C ARG G 21 -12.23 0.25 -25.24
N LEU G 22 -12.93 0.37 -24.12
CA LEU G 22 -13.23 1.67 -23.54
C LEU G 22 -11.97 2.22 -22.88
N ARG G 23 -11.22 1.31 -22.26
CA ARG G 23 -9.94 1.65 -21.65
C ARG G 23 -8.90 1.92 -22.73
N LEU G 24 -9.17 1.43 -23.93
CA LEU G 24 -8.34 1.68 -25.10
C LEU G 24 -8.42 3.14 -25.52
N ALA G 25 -9.54 3.79 -25.20
CA ALA G 25 -9.76 5.17 -25.59
C ALA G 25 -9.76 6.10 -24.38
N GLY G 26 -9.12 5.66 -23.30
CA GLY G 26 -8.98 6.46 -22.10
C GLY G 26 -10.29 6.65 -21.35
N GLN G 27 -11.20 5.69 -21.49
CA GLN G 27 -12.47 5.74 -20.79
C GLN G 27 -12.67 4.50 -19.92
N PHE G 28 -13.79 4.46 -19.21
CA PHE G 28 -14.13 3.30 -18.39
C PHE G 28 -15.65 3.15 -18.28
N PRO G 29 -16.13 1.90 -18.22
CA PRO G 29 -17.57 1.63 -18.13
C PRO G 29 -18.13 1.94 -16.75
N ALA G 30 -19.34 2.53 -16.73
CA ALA G 30 -20.03 2.84 -15.49
C ALA G 30 -21.53 2.74 -15.67
N VAL G 31 -22.24 2.40 -14.61
CA VAL G 31 -23.69 2.28 -14.69
C VAL G 31 -24.36 3.24 -13.70
N VAL G 32 -25.52 3.77 -14.08
CA VAL G 32 -26.24 4.72 -13.26
C VAL G 32 -27.67 4.25 -12.98
N TYR G 33 -27.95 3.96 -11.71
CA TYR G 33 -29.28 3.49 -11.31
C TYR G 33 -29.82 4.30 -10.14
N GLY G 34 -31.00 3.91 -9.65
CA GLY G 34 -31.62 4.59 -8.53
C GLY G 34 -32.69 5.58 -8.95
N GLY G 35 -33.31 6.23 -7.97
CA GLY G 35 -34.35 7.21 -8.24
C GLY G 35 -35.62 6.58 -8.80
N GLU G 36 -36.15 7.19 -9.86
CA GLU G 36 -37.36 6.68 -10.49
C GLU G 36 -37.14 6.46 -11.99
N ALA G 37 -35.94 6.02 -12.35
CA ALA G 37 -35.61 5.76 -13.75
C ALA G 37 -34.84 4.45 -13.90
N ALA G 38 -34.93 3.86 -15.08
CA ALA G 38 -34.23 2.62 -15.39
C ALA G 38 -32.72 2.83 -15.37
N PRO G 39 -31.96 1.77 -15.04
CA PRO G 39 -30.49 1.87 -15.02
C PRO G 39 -29.91 2.24 -16.38
N VAL G 40 -28.89 3.09 -16.39
CA VAL G 40 -28.28 3.55 -17.63
C VAL G 40 -26.79 3.25 -17.65
N ALA G 41 -26.33 2.58 -18.70
CA ALA G 41 -24.91 2.29 -18.87
C ALA G 41 -24.22 3.41 -19.62
N VAL G 42 -23.26 4.05 -18.95
CA VAL G 42 -22.56 5.19 -19.53
C VAL G 42 -21.05 4.99 -19.55
N ALA G 43 -20.37 5.77 -20.38
CA ALA G 43 -18.92 5.74 -20.47
C ALA G 43 -18.33 7.09 -20.06
N LEU G 44 -17.41 7.07 -19.11
CA LEU G 44 -16.81 8.30 -18.60
C LEU G 44 -15.34 8.39 -18.96
N ASN G 45 -14.86 9.62 -19.17
CA ASN G 45 -13.44 9.85 -19.37
C ASN G 45 -12.67 9.50 -18.10
N HIS G 46 -11.69 8.61 -18.23
CA HIS G 46 -10.97 8.10 -17.08
C HIS G 46 -10.20 9.18 -16.32
N ASP G 47 -9.27 9.83 -17.02
CA ASP G 47 -8.41 10.83 -16.38
C ASP G 47 -9.18 12.00 -15.81
N ASP G 48 -10.31 12.34 -16.42
CA ASP G 48 -11.15 13.42 -15.94
C ASP G 48 -11.78 13.08 -14.58
N ILE G 49 -12.28 11.85 -14.47
CA ILE G 49 -12.89 11.38 -13.23
C ILE G 49 -11.85 11.24 -12.12
N VAL G 50 -10.76 10.53 -12.42
CA VAL G 50 -9.72 10.22 -11.43
C VAL G 50 -9.09 11.48 -10.84
N ASN G 51 -8.88 12.50 -11.67
CA ASN G 51 -8.28 13.75 -11.22
C ASN G 51 -9.17 14.56 -10.29
N GLN G 52 -10.35 14.02 -9.98
CA GLN G 52 -11.28 14.69 -9.09
C GLN G 52 -11.70 13.77 -7.95
N MSE G 53 -11.11 12.58 -7.89
CA MSE G 53 -11.48 11.61 -6.87
C MSE G 53 -10.70 11.79 -5.57
O MSE G 53 -10.82 10.98 -4.64
CB MSE G 53 -11.27 10.18 -7.39
CG MSE G 53 -12.19 9.80 -8.53
SE MSE G 53 -12.20 7.87 -8.83
CE MSE G 53 -10.29 7.53 -8.61
N ASP G 54 -9.88 12.82 -5.50
CA ASP G 54 -9.15 13.14 -4.28
C ASP G 54 -9.89 14.23 -3.51
N LYS G 55 -10.85 14.86 -4.18
CA LYS G 55 -11.69 15.88 -3.57
C LYS G 55 -12.84 15.23 -2.81
N PRO G 56 -13.17 15.77 -1.63
CA PRO G 56 -14.25 15.21 -0.80
C PRO G 56 -15.63 15.46 -1.39
N GLU G 57 -15.73 16.43 -2.31
CA GLU G 57 -17.00 16.77 -2.93
C GLU G 57 -17.41 15.74 -3.98
N PHE G 58 -16.44 14.97 -4.47
CA PHE G 58 -16.69 13.95 -5.47
C PHE G 58 -17.56 12.83 -4.93
N TYR G 59 -17.33 12.46 -3.66
CA TYR G 59 -18.03 11.33 -3.05
C TYR G 59 -19.33 11.75 -2.38
N GLU G 60 -19.95 12.81 -2.89
CA GLU G 60 -21.20 13.30 -2.29
C GLU G 60 -22.03 14.15 -3.25
N ALA G 61 -21.41 14.65 -4.31
CA ALA G 61 -22.11 15.51 -5.27
C ALA G 61 -21.50 15.44 -6.67
N ILE G 62 -22.14 14.69 -7.56
CA ILE G 62 -21.67 14.54 -8.93
C ILE G 62 -22.81 14.73 -9.93
N THR G 63 -22.56 15.54 -10.95
CA THR G 63 -23.52 15.74 -12.03
C THR G 63 -23.03 15.10 -13.33
N LEU G 64 -23.81 14.16 -13.86
CA LEU G 64 -23.45 13.49 -15.10
C LEU G 64 -24.39 13.89 -16.23
N VAL G 65 -23.82 14.45 -17.30
CA VAL G 65 -24.61 14.85 -18.45
C VAL G 65 -24.88 13.65 -19.36
N ILE G 66 -26.06 13.04 -19.18
CA ILE G 66 -26.42 11.85 -19.95
C ILE G 66 -27.44 12.18 -21.03
N GLY G 67 -26.99 12.20 -22.28
CA GLY G 67 -27.88 12.46 -23.40
C GLY G 67 -28.45 13.87 -23.39
N GLY G 68 -27.68 14.82 -22.89
CA GLY G 68 -28.10 16.20 -22.83
C GLY G 68 -28.55 16.61 -21.44
N GLU G 69 -29.40 15.79 -20.82
CA GLU G 69 -29.89 16.07 -19.48
C GLU G 69 -28.81 15.83 -18.44
N GLU G 70 -28.96 16.47 -17.28
CA GLU G 70 -27.91 16.46 -16.27
C GLU G 70 -28.36 15.75 -14.99
N VAL G 71 -28.07 14.45 -14.93
CA VAL G 71 -28.45 13.63 -13.78
C VAL G 71 -27.46 13.80 -12.62
N LYS G 72 -27.99 14.12 -11.46
CA LYS G 72 -27.15 14.30 -10.27
C LYS G 72 -27.05 13.00 -9.49
N VAL G 73 -25.83 12.47 -9.36
CA VAL G 73 -25.61 11.17 -8.74
C VAL G 73 -24.51 11.19 -7.68
N LYS G 74 -24.30 10.04 -7.04
CA LYS G 74 -23.20 9.87 -6.09
C LYS G 74 -22.51 8.54 -6.34
N PRO G 75 -21.20 8.47 -6.10
CA PRO G 75 -20.43 7.23 -6.26
C PRO G 75 -20.92 6.12 -5.33
N GLN G 76 -21.21 4.95 -5.90
CA GLN G 76 -21.72 3.84 -5.12
C GLN G 76 -20.69 2.73 -4.98
N ASP G 77 -19.93 2.49 -6.05
CA ASP G 77 -18.90 1.47 -6.03
C ASP G 77 -17.76 1.82 -6.98
N VAL G 78 -16.54 1.48 -6.61
CA VAL G 78 -15.38 1.73 -7.46
C VAL G 78 -14.53 0.47 -7.66
N GLN G 79 -14.36 0.07 -8.91
CA GLN G 79 -13.48 -1.05 -9.24
C GLN G 79 -12.13 -0.54 -9.72
N ARG G 80 -11.10 -0.78 -8.91
CA ARG G 80 -9.74 -0.35 -9.27
C ARG G 80 -8.90 -1.52 -9.75
N HIS G 81 -7.79 -1.21 -10.40
CA HIS G 81 -6.80 -2.21 -10.78
C HIS G 81 -6.15 -2.76 -9.51
N ALA G 82 -5.48 -3.90 -9.63
CA ALA G 82 -4.85 -4.56 -8.49
C ALA G 82 -3.91 -3.62 -7.73
N PHE G 83 -3.14 -2.83 -8.46
CA PHE G 83 -2.19 -1.90 -7.85
C PHE G 83 -2.14 -0.56 -8.59
N LYS G 84 -2.49 -0.58 -9.87
CA LYS G 84 -2.51 0.64 -10.67
C LYS G 84 -3.59 1.59 -10.14
N PRO G 85 -3.30 2.91 -10.16
CA PRO G 85 -4.26 3.91 -9.71
C PRO G 85 -5.33 4.21 -10.75
N LYS G 86 -5.72 3.21 -11.54
CA LYS G 86 -6.73 3.41 -12.57
C LYS G 86 -8.07 2.80 -12.16
N VAL G 87 -9.14 3.38 -12.69
CA VAL G 87 -10.49 2.90 -12.41
C VAL G 87 -11.01 2.03 -13.56
N GLU G 88 -11.46 0.83 -13.23
CA GLU G 88 -11.91 -0.10 -14.24
C GLU G 88 -13.44 -0.08 -14.41
N HIS G 89 -14.14 0.26 -13.34
CA HIS G 89 -15.60 0.33 -13.37
C HIS G 89 -16.14 1.07 -12.15
N MSE G 90 -17.24 1.78 -12.33
CA MSE G 90 -17.88 2.49 -11.23
C MSE G 90 -19.40 2.37 -11.26
O MSE G 90 -20.00 2.11 -12.31
CB MSE G 90 -17.50 3.97 -11.25
CG MSE G 90 -16.10 4.26 -10.73
SE MSE G 90 -15.73 6.17 -10.55
CE MSE G 90 -16.95 6.58 -9.08
N ASP G 91 -20.03 2.55 -10.10
CA ASP G 91 -21.48 2.59 -10.00
C ASP G 91 -21.94 3.93 -9.45
N PHE G 92 -22.99 4.48 -10.03
CA PHE G 92 -23.56 5.74 -9.57
C PHE G 92 -25.04 5.57 -9.24
N ILE G 93 -25.42 5.94 -8.02
CA ILE G 93 -26.82 5.93 -7.64
C ILE G 93 -27.35 7.36 -7.68
N ARG G 94 -28.60 7.52 -8.12
CA ARG G 94 -29.17 8.84 -8.35
C ARG G 94 -29.49 9.60 -7.08
N ILE G 95 -29.48 10.93 -7.17
CA ILE G 95 -29.78 11.79 -6.04
C ILE G 95 -30.90 12.76 -6.38
N MSE H 4 -35.44 21.40 13.57
CA MSE H 4 -35.70 20.13 14.24
C MSE H 4 -34.61 19.86 15.27
O MSE H 4 -33.63 19.15 15.00
CB MSE H 4 -35.79 18.99 13.23
CG MSE H 4 -36.16 17.64 13.83
SE MSE H 4 -37.02 16.38 12.61
CE MSE H 4 -38.68 17.37 12.28
N LYS H 5 -34.78 20.43 16.46
CA LYS H 5 -33.81 20.28 17.55
C LYS H 5 -34.39 19.51 18.73
N PHE H 6 -33.76 18.38 19.06
CA PHE H 6 -34.14 17.61 20.23
C PHE H 6 -33.13 17.84 21.35
N GLU H 7 -33.57 17.68 22.60
CA GLU H 7 -32.67 17.85 23.73
C GLU H 7 -32.14 16.49 24.21
N ALA H 8 -30.87 16.23 23.91
CA ALA H 8 -30.22 15.00 24.31
C ALA H 8 -29.58 15.14 25.69
N VAL H 9 -29.94 14.24 26.60
CA VAL H 9 -29.38 14.27 27.95
C VAL H 9 -28.28 13.23 28.11
N VAL H 10 -27.09 13.69 28.48
CA VAL H 10 -25.96 12.80 28.68
C VAL H 10 -26.21 11.87 29.86
N ARG H 11 -26.13 10.56 29.63
CA ARG H 11 -26.38 9.58 30.67
C ARG H 11 -25.18 9.45 31.61
N THR H 12 -25.44 9.55 32.91
CA THR H 12 -24.41 9.43 33.92
C THR H 12 -24.42 8.04 34.53
N GLU H 13 -25.49 7.30 34.29
CA GLU H 13 -25.65 5.97 34.85
C GLU H 13 -26.08 4.95 33.79
N LEU H 14 -25.64 3.71 33.96
CA LEU H 14 -25.97 2.63 33.04
C LEU H 14 -26.46 1.41 33.80
N GLY H 15 -27.30 0.61 33.15
CA GLY H 15 -27.82 -0.60 33.76
C GLY H 15 -29.32 -0.73 33.66
N LYS H 16 -29.87 -1.72 34.37
CA LYS H 16 -31.31 -1.99 34.34
C LYS H 16 -32.09 -0.90 35.07
N GLY H 17 -31.50 -0.38 36.15
CA GLY H 17 -32.14 0.65 36.94
C GLY H 17 -32.27 1.97 36.20
N ALA H 18 -31.23 2.33 35.45
CA ALA H 18 -31.20 3.58 34.71
C ALA H 18 -32.22 3.55 33.57
N SER H 19 -32.42 2.38 32.99
CA SER H 19 -33.38 2.22 31.88
C SER H 19 -34.81 2.38 32.36
N ARG H 20 -35.05 2.04 33.62
CA ARG H 20 -36.37 2.18 34.21
C ARG H 20 -36.74 3.65 34.38
N ARG H 21 -35.77 4.45 34.81
CA ARG H 21 -35.97 5.88 34.98
C ARG H 21 -36.26 6.58 33.67
N LEU H 22 -35.57 6.14 32.61
CA LEU H 22 -35.78 6.70 31.28
C LEU H 22 -37.16 6.35 30.74
N ARG H 23 -37.61 5.13 31.03
CA ARG H 23 -38.89 4.65 30.53
C ARG H 23 -40.06 5.42 31.14
N LEU H 24 -39.96 5.73 32.44
CA LEU H 24 -41.02 6.47 33.11
C LEU H 24 -40.93 7.96 32.85
N ALA H 25 -39.74 8.41 32.45
CA ALA H 25 -39.55 9.82 32.11
C ALA H 25 -39.96 10.08 30.67
N GLY H 26 -40.43 9.03 29.99
CA GLY H 26 -40.83 9.13 28.61
C GLY H 26 -39.64 9.22 27.67
N GLN H 27 -38.59 8.48 27.98
CA GLN H 27 -37.36 8.52 27.21
C GLN H 27 -36.87 7.12 26.84
N PHE H 28 -35.91 7.06 25.93
CA PHE H 28 -35.31 5.80 25.50
C PHE H 28 -33.81 5.97 25.31
N PRO H 29 -33.03 4.90 25.57
CA PRO H 29 -31.57 4.96 25.41
C PRO H 29 -31.13 5.15 23.97
N ALA H 30 -30.12 5.99 23.77
CA ALA H 30 -29.58 6.25 22.44
C ALA H 30 -28.06 6.43 22.49
N VAL H 31 -27.41 6.22 21.35
CA VAL H 31 -25.96 6.34 21.28
C VAL H 31 -25.52 7.23 20.13
N VAL H 32 -24.68 8.22 20.42
CA VAL H 32 -24.14 9.10 19.40
C VAL H 32 -22.66 8.83 19.17
N TYR H 33 -22.33 8.33 17.98
CA TYR H 33 -20.93 8.02 17.65
C TYR H 33 -20.52 8.63 16.32
N GLY H 34 -19.29 8.33 15.91
CA GLY H 34 -18.78 8.83 14.65
C GLY H 34 -18.01 10.13 14.83
N GLY H 35 -17.21 10.48 13.82
CA GLY H 35 -16.45 11.72 13.85
C GLY H 35 -15.11 11.59 14.54
N GLU H 36 -14.88 12.45 15.52
CA GLU H 36 -13.58 12.53 16.17
C GLU H 36 -13.68 12.19 17.66
N ALA H 37 -14.89 12.18 18.18
CA ALA H 37 -15.12 11.95 19.61
C ALA H 37 -15.53 10.51 19.90
N ALA H 38 -15.49 10.15 21.18
CA ALA H 38 -15.89 8.83 21.64
C ALA H 38 -17.41 8.69 21.64
N PRO H 39 -17.92 7.45 21.52
CA PRO H 39 -19.36 7.20 21.59
C PRO H 39 -19.97 7.69 22.89
N VAL H 40 -21.12 8.36 22.81
CA VAL H 40 -21.77 8.92 23.97
C VAL H 40 -23.17 8.33 24.17
N ALA H 41 -23.41 7.79 25.36
CA ALA H 41 -24.74 7.26 25.70
C ALA H 41 -25.64 8.39 26.15
N VAL H 42 -26.71 8.64 25.39
CA VAL H 42 -27.62 9.72 25.69
C VAL H 42 -29.06 9.24 25.86
N ALA H 43 -29.96 10.17 26.14
CA ALA H 43 -31.38 9.86 26.30
C ALA H 43 -32.24 10.89 25.56
N LEU H 44 -33.23 10.41 24.82
CA LEU H 44 -34.10 11.28 24.04
C LEU H 44 -35.56 11.07 24.43
N ASN H 45 -36.34 12.14 24.43
CA ASN H 45 -37.77 12.04 24.72
C ASN H 45 -38.50 11.24 23.66
N HIS H 46 -38.99 10.07 24.05
CA HIS H 46 -39.59 9.11 23.11
C HIS H 46 -40.68 9.71 22.22
N ASP H 47 -41.70 10.29 22.82
CA ASP H 47 -42.85 10.79 22.08
C ASP H 47 -42.52 12.00 21.21
N ASP H 48 -41.43 12.70 21.55
CA ASP H 48 -41.03 13.88 20.78
C ASP H 48 -40.17 13.50 19.59
N ILE H 49 -39.57 12.32 19.64
CA ILE H 49 -38.74 11.83 18.54
C ILE H 49 -39.59 11.05 17.53
N VAL H 50 -40.46 10.19 18.04
CA VAL H 50 -41.19 9.25 17.21
C VAL H 50 -42.28 9.91 16.36
N ASN H 51 -42.82 11.03 16.85
CA ASN H 51 -43.89 11.71 16.14
C ASN H 51 -43.38 12.43 14.90
N GLN H 52 -42.11 12.74 14.89
CA GLN H 52 -41.50 13.49 13.79
C GLN H 52 -40.66 12.57 12.90
N MSE H 53 -40.83 11.27 13.06
CA MSE H 53 -40.14 10.30 12.23
C MSE H 53 -40.83 10.13 10.88
O MSE H 53 -40.34 9.40 10.01
CB MSE H 53 -40.05 8.94 12.93
CG MSE H 53 -39.13 8.90 14.14
SE MSE H 53 -38.81 7.05 14.70
CE MSE H 53 -37.91 7.38 16.39
N ASP H 54 -41.97 10.79 10.71
CA ASP H 54 -42.72 10.69 9.48
C ASP H 54 -42.11 11.60 8.40
N LYS H 55 -41.75 12.81 8.81
CA LYS H 55 -41.16 13.78 7.89
C LYS H 55 -39.81 13.30 7.37
N PRO H 56 -39.56 13.49 6.06
CA PRO H 56 -38.32 13.05 5.42
C PRO H 56 -37.11 13.90 5.81
N GLU H 57 -37.34 15.04 6.45
CA GLU H 57 -36.23 15.92 6.86
C GLU H 57 -35.56 15.39 8.13
N PHE H 58 -36.23 14.45 8.80
CA PHE H 58 -35.66 13.82 10.00
C PHE H 58 -34.48 12.95 9.64
N TYR H 59 -34.47 12.41 8.42
CA TYR H 59 -33.46 11.47 8.00
C TYR H 59 -32.43 12.15 7.10
N GLU H 60 -32.55 13.47 6.98
CA GLU H 60 -31.58 14.26 6.24
C GLU H 60 -30.50 14.77 7.19
N ALA H 61 -30.92 15.56 8.16
CA ALA H 61 -30.02 16.12 9.16
C ALA H 61 -30.81 16.68 10.35
N ILE H 62 -30.50 16.20 11.55
CA ILE H 62 -31.12 16.73 12.76
C ILE H 62 -30.03 17.20 13.74
N THR H 63 -30.41 18.10 14.63
CA THR H 63 -29.48 18.65 15.61
C THR H 63 -29.83 18.21 17.02
N LEU H 64 -28.93 17.44 17.64
CA LEU H 64 -29.12 17.01 19.02
C LEU H 64 -28.34 17.91 19.98
N VAL H 65 -29.06 18.61 20.84
CA VAL H 65 -28.44 19.46 21.85
C VAL H 65 -28.01 18.60 23.04
N ILE H 66 -26.74 18.23 23.06
CA ILE H 66 -26.23 17.31 24.08
C ILE H 66 -25.42 18.04 25.14
N GLY H 67 -26.10 18.90 25.91
CA GLY H 67 -25.46 19.61 27.00
C GLY H 67 -24.97 20.99 26.60
N GLY H 68 -25.72 21.66 25.73
CA GLY H 68 -25.37 23.01 25.32
C GLY H 68 -24.75 23.07 23.95
N GLU H 69 -24.26 21.94 23.45
CA GLU H 69 -23.64 21.89 22.13
C GLU H 69 -24.59 21.31 21.08
N GLU H 70 -24.63 21.97 19.93
CA GLU H 70 -25.47 21.53 18.82
C GLU H 70 -24.69 20.62 17.88
N VAL H 71 -25.01 19.33 17.91
CA VAL H 71 -24.30 18.35 17.08
C VAL H 71 -25.19 17.83 15.96
N LYS H 72 -24.89 18.25 14.73
CA LYS H 72 -25.63 17.80 13.57
C LYS H 72 -25.39 16.32 13.31
N VAL H 73 -26.45 15.52 13.45
CA VAL H 73 -26.34 14.08 13.29
C VAL H 73 -27.41 13.51 12.35
N LYS H 74 -27.20 12.27 11.92
CA LYS H 74 -28.20 11.56 11.14
C LYS H 74 -28.68 10.33 11.92
N PRO H 75 -29.99 10.07 11.87
CA PRO H 75 -30.54 8.86 12.50
C PRO H 75 -29.99 7.60 11.83
N GLN H 76 -29.08 6.92 12.50
CA GLN H 76 -28.40 5.77 11.90
C GLN H 76 -29.27 4.53 11.88
N ASP H 77 -29.49 3.92 13.04
CA ASP H 77 -30.30 2.71 13.15
C ASP H 77 -31.36 2.82 14.23
N VAL H 78 -32.44 2.06 14.06
CA VAL H 78 -33.53 2.04 15.02
C VAL H 78 -33.81 0.62 15.52
N GLN H 79 -34.08 0.48 16.81
CA GLN H 79 -34.47 -0.81 17.36
C GLN H 79 -35.85 -0.70 17.99
N ARG H 80 -36.86 -1.22 17.29
CA ARG H 80 -38.24 -1.15 17.75
C ARG H 80 -38.60 -2.36 18.61
N HIS H 81 -39.66 -2.23 19.40
CA HIS H 81 -40.09 -3.32 20.27
C HIS H 81 -40.62 -4.48 19.43
N ALA H 82 -40.68 -5.67 20.04
CA ALA H 82 -41.08 -6.88 19.35
C ALA H 82 -42.50 -6.80 18.78
N PHE H 83 -43.43 -6.21 19.52
CA PHE H 83 -44.82 -6.17 19.09
C PHE H 83 -45.50 -4.81 19.34
N LYS H 84 -45.26 -4.22 20.51
CA LYS H 84 -45.91 -2.95 20.84
C LYS H 84 -45.23 -1.79 20.13
N PRO H 85 -46.02 -0.82 19.65
CA PRO H 85 -45.52 0.32 18.87
C PRO H 85 -44.67 1.29 19.69
N LYS H 86 -43.43 0.91 19.98
CA LYS H 86 -42.52 1.76 20.75
C LYS H 86 -41.08 1.58 20.29
N VAL H 87 -40.24 2.56 20.59
CA VAL H 87 -38.83 2.52 20.19
C VAL H 87 -37.94 2.20 21.40
N GLU H 88 -37.14 1.16 21.27
CA GLU H 88 -36.27 0.72 22.36
C GLU H 88 -34.94 1.47 22.37
N HIS H 89 -34.18 1.33 21.30
CA HIS H 89 -32.86 1.95 21.19
C HIS H 89 -32.72 2.65 19.85
N MSE H 90 -31.71 3.51 19.73
CA MSE H 90 -31.49 4.25 18.48
C MSE H 90 -30.05 4.75 18.38
O MSE H 90 -29.45 5.16 19.37
CB MSE H 90 -32.47 5.42 18.39
CG MSE H 90 -32.64 5.99 17.00
SE MSE H 90 -34.29 7.01 16.84
CE MSE H 90 -34.15 7.51 14.96
N ASP H 91 -29.51 4.71 17.17
CA ASP H 91 -28.14 5.17 16.93
C ASP H 91 -28.09 6.42 16.07
N PHE H 92 -27.11 7.28 16.34
CA PHE H 92 -26.94 8.51 15.57
C PHE H 92 -25.47 8.71 15.21
N ILE H 93 -25.19 8.91 13.92
CA ILE H 93 -23.84 9.18 13.47
C ILE H 93 -23.64 10.68 13.27
N ARG H 94 -22.45 11.18 13.58
CA ARG H 94 -22.18 12.61 13.52
C ARG H 94 -21.83 13.08 12.11
N ILE H 95 -22.28 14.28 11.77
CA ILE H 95 -21.96 14.87 10.48
C ILE H 95 -20.77 15.82 10.59
P PO4 I . 21.97 -8.20 -2.24
O1 PO4 I . 23.27 -7.41 -2.22
O2 PO4 I . 22.08 -9.37 -1.29
O3 PO4 I . 21.70 -8.69 -3.64
O4 PO4 I . 20.84 -7.30 -1.78
P PO4 J . 18.36 -4.82 -1.83
O1 PO4 J . 19.61 -4.64 -2.67
O2 PO4 J . 17.20 -4.14 -2.51
O3 PO4 J . 18.07 -6.29 -1.69
O4 PO4 J . 18.58 -4.21 -0.46
P PO4 K . 41.62 2.43 5.11
O1 PO4 K . 42.79 1.85 4.35
O2 PO4 K . 41.12 3.66 4.40
O3 PO4 K . 40.52 1.41 5.20
O4 PO4 K . 42.06 2.80 6.51
P PO4 L . 48.60 -14.33 13.57
O1 PO4 L . 49.50 -14.34 12.36
O2 PO4 L . 47.70 -13.12 13.53
O3 PO4 L . 49.45 -14.29 14.82
O4 PO4 L . 47.75 -15.59 13.58
P PO4 M . 7.42 16.37 -21.49
O1 PO4 M . 8.81 16.26 -22.08
O2 PO4 M . 6.65 17.43 -22.23
O3 PO4 M . 6.71 15.05 -21.62
O4 PO4 M . 7.53 16.74 -20.03
P PO4 N . -28.65 9.69 3.24
O1 PO4 N . -27.70 8.65 2.66
O2 PO4 N . -28.19 11.07 2.83
O3 PO4 N . -30.05 9.43 2.72
O4 PO4 N . -28.64 9.58 4.74
P PO4 O . -23.44 8.29 2.83
O1 PO4 O . -21.95 8.20 3.11
O2 PO4 O . -23.66 8.42 1.34
O3 PO4 O . -24.11 7.03 3.32
O4 PO4 O . -24.02 9.48 3.54
P PO4 P . -37.58 -1.76 34.22
O1 PO4 P . -36.83 -0.92 33.20
O2 PO4 P . -36.81 -1.77 35.51
O3 PO4 P . -37.71 -3.17 33.70
O4 PO4 P . -38.95 -1.17 34.44
#